data_9MRG
#
_entry.id   9MRG
#
loop_
_entity.id
_entity.type
_entity.pdbx_description
1 polymer 'Kiwa protein KwaA'
2 non-polymer 'Lauryl Maltose Neopentyl Glycol'
#
_entity_poly.entity_id   1
_entity_poly.type   'polypeptide(L)'
_entity_poly.pdbx_seq_one_letter_code
;MQRNTYNKVGLYILSLAMLFVFIIILTAKIPFCFTSDCSFIGLKKLVLTNIVPIVCFVFFLFSIYFYNRLKNITKYNGQD
SVKITSCQSESYESLTFLATYIVPFMGFSFEDMQKNIAYLLLVVVIGIIFIKTDKYYANPTLALFGFKLYRVNILHPGSG
ETKNLIAISNDVLKVDDNVYYSFFDEFVFIARKKI
;
_entity_poly.pdbx_strand_id   A,B,C,D
#
# COMPACT_ATOMS: atom_id res chain seq x y z
N ASN A 4 -24.11 19.84 -9.90
CA ASN A 4 -22.79 20.18 -9.42
C ASN A 4 -21.84 18.99 -9.51
N THR A 5 -22.35 17.87 -10.02
CA THR A 5 -21.52 16.69 -10.20
C THR A 5 -20.58 16.81 -11.40
N TYR A 6 -20.83 17.78 -12.29
CA TYR A 6 -19.91 18.04 -13.39
C TYR A 6 -18.55 18.51 -12.87
N ASN A 7 -18.54 19.38 -11.86
CA ASN A 7 -17.29 19.80 -11.25
C ASN A 7 -16.64 18.66 -10.47
N LYS A 8 -17.44 17.76 -9.90
CA LYS A 8 -16.89 16.61 -9.19
C LYS A 8 -16.17 15.66 -10.13
N VAL A 9 -16.80 15.32 -11.26
CA VAL A 9 -16.14 14.46 -12.23
C VAL A 9 -15.01 15.21 -12.92
N GLY A 10 -15.05 16.54 -12.96
CA GLY A 10 -13.91 17.31 -13.45
C GLY A 10 -12.72 17.22 -12.51
N LEU A 11 -12.98 17.27 -11.20
CA LEU A 11 -11.90 17.08 -10.23
C LEU A 11 -11.32 15.68 -10.30
N TYR A 12 -12.18 14.67 -10.46
CA TYR A 12 -11.70 13.29 -10.58
C TYR A 12 -10.89 13.10 -11.86
N ILE A 13 -11.33 13.67 -12.99
CA ILE A 13 -10.57 13.53 -14.22
C ILE A 13 -9.35 14.44 -14.25
N LEU A 14 -9.28 15.44 -13.36
CA LEU A 14 -8.03 16.17 -13.17
C LEU A 14 -7.05 15.34 -12.36
N SER A 15 -7.57 14.57 -11.39
CA SER A 15 -6.74 13.64 -10.65
C SER A 15 -6.15 12.58 -11.56
N LEU A 16 -6.96 12.06 -12.48
CA LEU A 16 -6.46 11.11 -13.48
C LEU A 16 -5.85 11.91 -14.64
N ALA A 17 -4.67 12.46 -14.40
CA ALA A 17 -3.90 13.13 -15.43
C ALA A 17 -2.54 12.49 -15.67
N MET A 18 -1.81 12.21 -14.59
CA MET A 18 -0.54 11.52 -14.74
C MET A 18 -0.73 10.08 -15.18
N LEU A 19 -1.90 9.48 -14.96
CA LEU A 19 -2.20 8.19 -15.57
C LEU A 19 -2.27 8.31 -17.10
N PHE A 20 -2.87 9.39 -17.60
CA PHE A 20 -2.92 9.60 -19.05
C PHE A 20 -1.53 9.85 -19.61
N VAL A 21 -0.69 10.59 -18.87
CA VAL A 21 0.70 10.81 -19.27
C VAL A 21 1.46 9.49 -19.26
N PHE A 22 1.20 8.63 -18.26
CA PHE A 22 1.86 7.33 -18.16
C PHE A 22 1.46 6.41 -19.30
N ILE A 23 0.17 6.42 -19.69
CA ILE A 23 -0.27 5.60 -20.82
C ILE A 23 0.35 6.10 -22.12
N ILE A 24 0.41 7.44 -22.29
CA ILE A 24 1.00 8.04 -23.48
C ILE A 24 2.48 7.67 -23.59
N ILE A 25 3.19 7.63 -22.47
CA ILE A 25 4.58 7.20 -22.47
C ILE A 25 4.68 5.70 -22.74
N LEU A 26 3.80 4.90 -22.12
CA LEU A 26 3.98 3.45 -22.12
C LEU A 26 3.63 2.84 -23.47
N THR A 27 2.57 3.32 -24.14
CA THR A 27 2.24 2.82 -25.47
C THR A 27 2.22 3.98 -26.47
N ALA A 28 3.29 4.08 -27.26
CA ALA A 28 3.38 5.09 -28.32
C ALA A 28 4.38 4.55 -29.34
N LYS A 29 3.88 4.19 -30.53
CA LYS A 29 4.73 3.64 -31.58
C LYS A 29 5.44 4.78 -32.28
N ILE A 30 6.75 4.88 -32.08
CA ILE A 30 7.57 5.94 -32.66
C ILE A 30 7.70 5.86 -34.19
N PRO A 31 7.53 4.69 -34.89
CA PRO A 31 7.50 4.93 -36.33
C PRO A 31 6.17 5.49 -36.82
N ILE A 41 3.94 12.69 -48.03
CA ILE A 41 4.57 11.45 -48.47
C ILE A 41 3.55 10.31 -48.44
N GLY A 42 2.78 10.25 -47.36
CA GLY A 42 1.75 9.23 -47.24
C GLY A 42 1.59 8.65 -45.85
N LEU A 43 2.39 9.11 -44.90
CA LEU A 43 2.33 8.60 -43.52
C LEU A 43 1.16 9.28 -42.81
N LYS A 44 -0.03 8.77 -43.09
CA LYS A 44 -1.25 9.26 -42.46
C LYS A 44 -2.04 8.16 -41.76
N LYS A 45 -1.56 6.92 -41.79
CA LYS A 45 -2.19 5.80 -41.10
C LYS A 45 -1.73 5.66 -39.66
N LEU A 46 -0.87 6.57 -39.19
CA LEU A 46 -0.35 6.48 -37.82
C LEU A 46 -1.45 6.77 -36.80
N VAL A 47 -2.44 7.57 -37.20
CA VAL A 47 -3.60 7.81 -36.33
C VAL A 47 -4.42 6.54 -36.20
N LEU A 48 -4.54 5.76 -37.28
CA LEU A 48 -5.28 4.50 -37.22
C LEU A 48 -4.52 3.46 -36.42
N THR A 49 -3.20 3.39 -36.57
CA THR A 49 -2.43 2.39 -35.83
C THR A 49 -2.30 2.77 -34.36
N ASN A 50 -2.02 4.04 -34.08
CA ASN A 50 -1.85 4.51 -32.70
C ASN A 50 -3.13 5.21 -32.26
N ILE A 51 -4.12 4.40 -31.87
CA ILE A 51 -5.40 4.96 -31.47
C ILE A 51 -5.43 5.28 -29.97
N VAL A 52 -4.80 4.44 -29.15
CA VAL A 52 -4.73 4.63 -27.70
C VAL A 52 -3.96 5.89 -27.30
N PRO A 53 -2.77 6.22 -27.85
CA PRO A 53 -2.17 7.52 -27.48
C PRO A 53 -2.95 8.72 -28.00
N ILE A 54 -3.69 8.56 -29.11
CA ILE A 54 -4.49 9.68 -29.62
C ILE A 54 -5.67 9.96 -28.69
N VAL A 55 -6.37 8.90 -28.27
CA VAL A 55 -7.49 9.11 -27.35
C VAL A 55 -6.99 9.53 -25.97
N CYS A 56 -5.80 9.09 -25.57
CA CYS A 56 -5.26 9.57 -24.30
C CYS A 56 -4.76 11.00 -24.40
N PHE A 57 -4.34 11.45 -25.58
CA PHE A 57 -3.97 12.84 -25.77
C PHE A 57 -5.20 13.74 -25.74
N VAL A 58 -6.31 13.27 -26.32
CA VAL A 58 -7.58 13.98 -26.23
C VAL A 58 -8.03 14.07 -24.78
N PHE A 59 -7.89 12.97 -24.04
CA PHE A 59 -8.20 12.95 -22.61
C PHE A 59 -7.30 13.87 -21.80
N PHE A 60 -6.03 13.97 -22.18
CA PHE A 60 -5.09 14.83 -21.44
C PHE A 60 -5.38 16.31 -21.69
N LEU A 61 -5.72 16.67 -22.92
CA LEU A 61 -6.14 18.04 -23.21
C LEU A 61 -7.45 18.37 -22.50
N PHE A 62 -8.36 17.38 -22.41
CA PHE A 62 -9.57 17.57 -21.61
C PHE A 62 -9.26 17.77 -20.14
N SER A 63 -8.31 17.01 -19.61
CA SER A 63 -7.94 17.13 -18.19
C SER A 63 -7.32 18.48 -17.89
N ILE A 64 -6.49 18.99 -18.80
CA ILE A 64 -5.95 20.33 -18.61
C ILE A 64 -7.04 21.38 -18.80
N TYR A 65 -8.11 21.07 -19.55
CA TYR A 65 -9.22 22.01 -19.68
C TYR A 65 -10.02 22.10 -18.38
N PHE A 66 -10.33 20.96 -17.74
CA PHE A 66 -10.92 21.04 -16.40
C PHE A 66 -9.98 21.61 -15.37
N TYR A 67 -8.66 21.49 -15.55
CA TYR A 67 -7.75 22.17 -14.62
C TYR A 67 -7.83 23.69 -14.77
N ASN A 68 -7.84 24.17 -16.01
CA ASN A 68 -7.97 25.60 -16.26
C ASN A 68 -9.34 26.11 -15.85
N ARG A 69 -10.38 25.27 -15.95
CA ARG A 69 -11.69 25.65 -15.46
C ARG A 69 -11.70 25.72 -13.94
N LEU A 70 -11.07 24.77 -13.26
CA LEU A 70 -11.05 24.75 -11.80
C LEU A 70 -10.14 25.81 -11.22
N LYS A 71 -9.23 26.38 -12.02
CA LYS A 71 -8.36 27.42 -11.51
C LYS A 71 -9.09 28.72 -11.22
N ASN A 72 -10.26 28.96 -11.82
CA ASN A 72 -10.96 30.22 -11.62
C ASN A 72 -12.44 29.97 -11.37
N ILE A 73 -12.78 28.93 -10.61
CA ILE A 73 -14.12 28.83 -10.05
C ILE A 73 -14.30 29.88 -8.96
N THR A 74 -13.27 30.07 -8.13
CA THR A 74 -13.29 31.05 -7.06
C THR A 74 -13.14 32.49 -7.56
N LYS A 75 -12.88 32.70 -8.85
CA LYS A 75 -12.79 34.04 -9.41
C LYS A 75 -14.13 34.74 -9.50
N TYR A 76 -15.23 33.98 -9.43
CA TYR A 76 -16.59 34.54 -9.48
C TYR A 76 -16.87 35.38 -8.25
N ASN A 77 -17.04 36.69 -8.44
CA ASN A 77 -17.14 37.63 -7.33
C ASN A 77 -18.58 37.83 -6.90
N GLY A 78 -18.82 37.77 -5.60
CA GLY A 78 -20.12 38.05 -5.03
C GLY A 78 -20.01 38.74 -3.69
N GLN A 79 -18.83 39.31 -3.41
CA GLN A 79 -18.43 39.85 -2.11
C GLN A 79 -18.58 38.80 -1.01
N ASP A 80 -17.71 37.79 -1.07
CA ASP A 80 -17.72 36.66 -0.16
C ASP A 80 -16.64 36.82 0.89
N SER A 81 -17.00 36.64 2.16
CA SER A 81 -16.03 36.66 3.26
C SER A 81 -16.58 35.86 4.42
N VAL A 82 -15.89 34.79 4.79
CA VAL A 82 -16.28 33.93 5.91
C VAL A 82 -15.05 33.65 6.77
N LYS A 83 -15.24 33.66 8.09
CA LYS A 83 -14.13 33.58 9.04
C LYS A 83 -13.91 32.14 9.48
N ILE A 84 -12.68 31.65 9.28
CA ILE A 84 -12.33 30.29 9.65
C ILE A 84 -12.03 30.24 11.15
N THR A 85 -12.69 29.30 11.85
CA THR A 85 -12.50 29.17 13.29
C THR A 85 -11.42 28.16 13.65
N SER A 86 -11.24 27.11 12.86
CA SER A 86 -10.22 26.11 13.16
C SER A 86 -9.72 25.48 11.87
N CYS A 87 -8.55 24.87 11.95
CA CYS A 87 -7.93 24.25 10.80
C CYS A 87 -7.07 23.08 11.24
N GLN A 88 -7.03 22.03 10.43
CA GLN A 88 -6.21 20.85 10.70
C GLN A 88 -5.68 20.35 9.37
N SER A 89 -5.13 19.15 9.36
CA SER A 89 -4.69 18.48 8.14
C SER A 89 -5.34 17.11 8.09
N GLU A 90 -5.96 16.79 6.95
CA GLU A 90 -6.67 15.53 6.80
C GLU A 90 -5.80 14.47 6.14
N SER A 91 -4.98 14.88 5.17
CA SER A 91 -4.05 14.10 4.35
C SER A 91 -4.77 13.12 3.42
N TYR A 92 -4.15 12.83 2.28
CA TYR A 92 -4.79 12.00 1.27
C TYR A 92 -4.85 10.55 1.72
N GLU A 93 -5.94 9.88 1.37
CA GLU A 93 -6.07 8.46 1.63
C GLU A 93 -5.13 7.70 0.72
N SER A 94 -4.14 7.05 1.31
CA SER A 94 -3.03 6.47 0.54
C SER A 94 -3.45 5.27 -0.29
N LEU A 95 -4.55 4.61 0.09
CA LEU A 95 -4.96 3.40 -0.61
C LEU A 95 -5.56 3.67 -1.98
N THR A 96 -6.16 4.84 -2.18
CA THR A 96 -6.83 5.13 -3.44
C THR A 96 -5.86 5.43 -4.58
N PHE A 97 -4.57 5.58 -4.30
CA PHE A 97 -3.58 5.65 -5.36
C PHE A 97 -3.46 4.32 -6.08
N LEU A 98 -3.56 3.22 -5.35
CA LEU A 98 -3.42 1.90 -5.94
C LEU A 98 -4.65 1.46 -6.73
N ALA A 99 -5.81 2.08 -6.53
CA ALA A 99 -7.01 1.63 -7.20
C ALA A 99 -7.13 2.15 -8.62
N THR A 100 -6.40 3.21 -8.98
CA THR A 100 -6.48 3.78 -10.31
C THR A 100 -5.17 3.73 -11.07
N TYR A 101 -4.05 3.47 -10.41
CA TYR A 101 -2.74 3.54 -11.05
C TYR A 101 -2.03 2.20 -11.17
N ILE A 102 -2.55 1.14 -10.55
CA ILE A 102 -1.84 -0.14 -10.57
C ILE A 102 -2.07 -0.91 -11.86
N VAL A 103 -3.07 -0.54 -12.65
CA VAL A 103 -3.41 -1.25 -13.89
C VAL A 103 -2.31 -1.23 -14.95
N PRO A 104 -1.65 -0.10 -15.32
CA PRO A 104 -0.60 -0.23 -16.33
C PRO A 104 0.77 -0.53 -15.76
N PHE A 105 0.85 -0.95 -14.49
CA PHE A 105 2.15 -1.21 -13.88
C PHE A 105 2.19 -2.58 -13.23
N MET A 106 1.04 -3.25 -13.09
CA MET A 106 1.01 -4.64 -12.67
C MET A 106 0.84 -5.57 -13.85
N GLY A 107 1.49 -5.23 -14.97
CA GLY A 107 1.39 -6.01 -16.18
C GLY A 107 0.59 -5.29 -17.23
N PHE A 108 -0.36 -6.00 -17.83
CA PHE A 108 -1.37 -5.47 -18.76
C PHE A 108 -0.73 -4.80 -19.97
N SER A 109 -0.04 -5.60 -20.78
CA SER A 109 0.48 -5.13 -22.04
C SER A 109 -0.68 -4.81 -22.98
N PHE A 110 -0.66 -3.62 -23.55
CA PHE A 110 -1.81 -3.15 -24.34
C PHE A 110 -1.84 -3.86 -25.69
N GLU A 111 -3.05 -4.19 -26.12
CA GLU A 111 -3.29 -5.16 -27.17
C GLU A 111 -4.54 -4.74 -27.92
N ASP A 112 -5.19 -5.71 -28.58
CA ASP A 112 -6.46 -5.53 -29.28
C ASP A 112 -7.53 -4.86 -28.42
N MET A 113 -8.49 -4.20 -29.07
CA MET A 113 -9.33 -3.19 -28.43
C MET A 113 -10.31 -3.74 -27.40
N GLN A 114 -10.45 -5.06 -27.28
CA GLN A 114 -11.28 -5.62 -26.22
C GLN A 114 -10.72 -5.28 -24.83
N LYS A 115 -9.40 -5.44 -24.66
CA LYS A 115 -8.80 -5.14 -23.37
C LYS A 115 -8.81 -3.65 -23.08
N ASN A 116 -8.61 -2.82 -24.10
CA ASN A 116 -8.68 -1.37 -23.90
C ASN A 116 -10.09 -0.92 -23.56
N ILE A 117 -11.10 -1.56 -24.18
CA ILE A 117 -12.50 -1.25 -23.86
C ILE A 117 -12.81 -1.66 -22.43
N ALA A 118 -12.29 -2.81 -21.98
CA ALA A 118 -12.47 -3.24 -20.60
C ALA A 118 -11.80 -2.28 -19.62
N TYR A 119 -10.61 -1.76 -19.98
CA TYR A 119 -9.94 -0.81 -19.11
C TYR A 119 -10.69 0.53 -19.06
N LEU A 120 -11.26 0.96 -20.18
CA LEU A 120 -12.07 2.18 -20.19
C LEU A 120 -13.31 2.03 -19.33
N LEU A 121 -13.94 0.86 -19.38
CA LEU A 121 -15.08 0.59 -18.51
C LEU A 121 -14.67 0.53 -17.04
N LEU A 122 -13.46 0.02 -16.76
CA LEU A 122 -12.98 0.00 -15.38
C LEU A 122 -12.74 1.41 -14.86
N VAL A 123 -12.18 2.30 -15.69
CA VAL A 123 -11.95 3.67 -15.27
C VAL A 123 -13.28 4.41 -15.06
N VAL A 124 -14.27 4.17 -15.94
CA VAL A 124 -15.58 4.79 -15.81
C VAL A 124 -16.29 4.29 -14.55
N VAL A 125 -16.23 2.98 -14.29
CA VAL A 125 -16.85 2.42 -13.09
C VAL A 125 -16.15 2.92 -11.83
N ILE A 126 -14.82 3.06 -11.88
CA ILE A 126 -14.05 3.62 -10.77
C ILE A 126 -14.50 5.03 -10.46
N GLY A 127 -14.72 5.84 -11.50
CA GLY A 127 -15.29 7.16 -11.31
C GLY A 127 -16.69 7.14 -10.74
N ILE A 128 -17.49 6.14 -11.13
CA ILE A 128 -18.88 6.07 -10.67
C ILE A 128 -18.95 5.74 -9.18
N ILE A 129 -18.12 4.81 -8.70
CA ILE A 129 -18.03 4.63 -7.25
C ILE A 129 -17.43 5.86 -6.57
N PHE A 130 -16.34 6.42 -7.12
CA PHE A 130 -15.61 7.48 -6.41
C PHE A 130 -16.41 8.78 -6.30
N ILE A 131 -17.34 9.02 -7.23
CA ILE A 131 -18.26 10.14 -7.06
C ILE A 131 -19.27 9.83 -5.95
N LYS A 132 -19.80 8.61 -5.94
CA LYS A 132 -20.89 8.29 -5.02
C LYS A 132 -20.42 8.10 -3.59
N THR A 133 -19.23 7.54 -3.39
CA THR A 133 -18.75 7.25 -2.05
C THR A 133 -17.98 8.41 -1.42
N ASP A 134 -17.88 9.55 -2.12
CA ASP A 134 -17.18 10.76 -1.70
C ASP A 134 -15.70 10.49 -1.42
N LYS A 135 -15.02 9.99 -2.44
CA LYS A 135 -13.59 9.74 -2.38
C LYS A 135 -12.93 10.15 -3.70
N TYR A 136 -13.34 11.29 -4.27
CA TYR A 136 -12.71 11.80 -5.48
C TYR A 136 -11.51 12.69 -5.17
N TYR A 137 -11.54 13.43 -4.07
CA TYR A 137 -10.39 14.21 -3.65
C TYR A 137 -9.39 13.38 -2.86
N ALA A 138 -9.70 12.12 -2.57
CA ALA A 138 -8.81 11.26 -1.81
C ALA A 138 -7.63 10.76 -2.61
N ASN A 139 -7.62 10.97 -3.91
CA ASN A 139 -6.50 10.55 -4.73
C ASN A 139 -5.27 11.41 -4.43
N PRO A 140 -4.12 10.81 -4.13
CA PRO A 140 -2.95 11.61 -3.78
C PRO A 140 -2.22 12.20 -4.96
N THR A 141 -2.69 11.99 -6.19
CA THR A 141 -2.11 12.66 -7.34
C THR A 141 -2.49 14.14 -7.38
N LEU A 142 -3.53 14.54 -6.64
CA LEU A 142 -3.93 15.93 -6.57
C LEU A 142 -2.88 16.83 -5.91
N ALA A 143 -2.00 16.26 -5.08
CA ALA A 143 -0.93 17.06 -4.50
C ALA A 143 0.15 17.40 -5.52
N LEU A 144 0.22 16.67 -6.63
CA LEU A 144 1.19 16.98 -7.67
C LEU A 144 0.84 18.29 -8.38
N PHE A 145 -0.45 18.53 -8.63
CA PHE A 145 -0.86 19.82 -9.15
C PHE A 145 -0.85 20.90 -8.08
N GLY A 146 -0.86 20.50 -6.81
CA GLY A 146 -0.77 21.42 -5.71
C GLY A 146 -2.12 21.65 -5.08
N PHE A 147 -2.41 20.91 -4.02
CA PHE A 147 -3.68 20.96 -3.31
C PHE A 147 -3.46 20.35 -1.94
N LYS A 148 -3.79 21.09 -0.89
CA LYS A 148 -3.59 20.63 0.47
C LYS A 148 -4.93 20.58 1.19
N LEU A 149 -5.26 19.43 1.76
CA LEU A 149 -6.52 19.26 2.45
C LEU A 149 -6.46 19.89 3.84
N TYR A 150 -7.55 20.55 4.22
CA TYR A 150 -7.67 21.17 5.54
C TYR A 150 -9.08 20.93 6.05
N ARG A 151 -9.21 20.12 7.10
CA ARG A 151 -10.50 19.95 7.76
C ARG A 151 -10.81 21.21 8.55
N VAL A 152 -11.83 21.95 8.14
CA VAL A 152 -12.09 23.29 8.62
C VAL A 152 -13.47 23.34 9.30
N ASN A 153 -13.51 23.91 10.50
CA ASN A 153 -14.76 24.34 11.11
C ASN A 153 -14.97 25.81 10.73
N ILE A 154 -15.98 26.07 9.90
CA ILE A 154 -16.16 27.37 9.27
C ILE A 154 -17.53 27.91 9.69
N LEU A 155 -17.55 29.15 10.16
CA LEU A 155 -18.76 29.81 10.62
C LEU A 155 -19.17 30.87 9.61
N HIS A 156 -20.43 30.86 9.21
CA HIS A 156 -20.94 31.81 8.24
C HIS A 156 -21.64 32.96 8.93
N PRO A 157 -21.30 34.21 8.61
CA PRO A 157 -22.07 35.34 9.14
C PRO A 157 -23.41 35.45 8.43
N GLY A 158 -24.41 34.73 8.91
CA GLY A 158 -25.67 34.62 8.20
C GLY A 158 -26.64 33.63 8.80
N SER A 159 -27.15 32.73 7.96
CA SER A 159 -28.26 31.86 8.35
C SER A 159 -27.86 30.86 9.42
N GLY A 160 -26.67 30.28 9.32
CA GLY A 160 -26.31 29.25 10.28
C GLY A 160 -24.83 28.96 10.28
N GLU A 161 -24.44 28.02 11.13
CA GLU A 161 -23.06 27.61 11.30
C GLU A 161 -22.88 26.17 10.83
N THR A 162 -21.81 25.93 10.09
CA THR A 162 -21.54 24.61 9.52
C THR A 162 -20.37 23.97 10.24
N LYS A 163 -20.38 22.63 10.30
CA LYS A 163 -19.34 21.89 11.00
C LYS A 163 -18.84 20.76 10.13
N ASN A 164 -17.52 20.51 10.23
CA ASN A 164 -16.82 19.36 9.64
C ASN A 164 -16.96 19.32 8.12
N LEU A 165 -16.37 20.34 7.49
CA LEU A 165 -16.29 20.40 6.03
C LEU A 165 -14.84 20.23 5.60
N ILE A 166 -14.64 19.53 4.49
CA ILE A 166 -13.31 19.25 3.96
C ILE A 166 -12.99 20.26 2.87
N ALA A 167 -11.87 20.94 3.00
CA ALA A 167 -11.49 22.01 2.08
C ALA A 167 -10.27 21.61 1.26
N ILE A 168 -10.31 21.93 -0.03
CA ILE A 168 -9.17 21.78 -0.93
C ILE A 168 -8.72 23.17 -1.32
N SER A 169 -7.42 23.42 -1.26
CA SER A 169 -6.91 24.76 -1.54
C SER A 169 -5.51 24.68 -2.11
N ASN A 170 -5.14 25.72 -2.86
CA ASN A 170 -3.78 25.83 -3.36
C ASN A 170 -2.85 26.60 -2.41
N ASP A 171 -3.39 27.20 -1.36
CA ASP A 171 -2.61 27.97 -0.41
C ASP A 171 -2.59 27.28 0.94
N VAL A 172 -1.62 27.67 1.77
CA VAL A 172 -1.61 27.22 3.16
C VAL A 172 -2.62 28.03 3.95
N LEU A 173 -3.43 27.34 4.76
CA LEU A 173 -4.46 27.99 5.55
C LEU A 173 -4.03 28.05 7.01
N LYS A 174 -4.07 29.25 7.59
CA LYS A 174 -3.78 29.47 8.99
C LYS A 174 -5.09 29.64 9.75
N VAL A 175 -5.00 30.03 11.00
CA VAL A 175 -6.17 30.29 11.82
C VAL A 175 -6.65 31.71 11.57
N ASP A 176 -7.97 31.87 11.47
CA ASP A 176 -8.66 33.16 11.36
C ASP A 176 -8.23 33.95 10.12
N ASP A 177 -8.56 33.40 8.95
CA ASP A 177 -8.39 34.10 7.69
C ASP A 177 -9.57 33.75 6.78
N ASN A 178 -9.83 34.62 5.81
CA ASN A 178 -11.05 34.56 5.02
C ASN A 178 -10.82 33.83 3.70
N VAL A 179 -11.85 33.12 3.24
CA VAL A 179 -11.81 32.32 2.02
C VAL A 179 -13.02 32.63 1.16
N TYR A 180 -13.03 32.06 -0.04
CA TYR A 180 -14.14 32.11 -0.99
C TYR A 180 -14.71 30.71 -1.15
N TYR A 181 -16.02 30.54 -0.95
CA TYR A 181 -16.60 29.20 -1.04
C TYR A 181 -17.05 28.91 -2.46
N SER A 182 -16.79 27.68 -2.89
CA SER A 182 -17.13 27.18 -4.23
C SER A 182 -17.72 25.78 -4.12
N PHE A 183 -18.74 25.65 -3.26
CA PHE A 183 -19.33 24.39 -2.80
C PHE A 183 -19.68 23.41 -3.91
N PHE A 184 -19.06 22.22 -3.88
CA PHE A 184 -19.49 21.15 -4.79
C PHE A 184 -20.73 20.47 -4.23
N ASP A 185 -20.55 19.77 -3.12
CA ASP A 185 -21.62 19.24 -2.30
C ASP A 185 -21.84 20.17 -1.12
N GLU A 186 -22.60 19.70 -0.13
CA GLU A 186 -22.70 20.41 1.13
C GLU A 186 -21.51 20.14 2.05
N PHE A 187 -20.53 19.33 1.61
CA PHE A 187 -19.41 18.93 2.46
C PHE A 187 -18.07 19.46 1.99
N VAL A 188 -17.84 19.60 0.69
CA VAL A 188 -16.53 20.02 0.20
C VAL A 188 -16.64 21.32 -0.57
N PHE A 189 -15.52 22.03 -0.66
CA PHE A 189 -15.41 23.25 -1.46
C PHE A 189 -13.94 23.49 -1.77
N ILE A 190 -13.71 24.32 -2.78
CA ILE A 190 -12.37 24.75 -3.17
C ILE A 190 -12.26 26.24 -2.92
N ALA A 191 -11.22 26.64 -2.19
CA ALA A 191 -11.13 28.00 -1.67
C ALA A 191 -9.77 28.61 -2.00
N ARG A 192 -9.73 29.94 -1.95
CA ARG A 192 -8.51 30.71 -2.12
C ARG A 192 -8.35 31.68 -0.96
N LYS A 193 -7.11 32.13 -0.76
CA LYS A 193 -6.81 33.05 0.32
C LYS A 193 -7.31 34.45 0.00
N LYS A 194 -7.85 35.13 1.01
CA LYS A 194 -8.28 36.51 0.85
C LYS A 194 -7.08 37.43 0.66
N ILE A 195 -7.20 38.35 -0.28
CA ILE A 195 -6.13 39.27 -0.59
C ILE A 195 -6.68 40.59 -1.11
N THR B 5 27.41 23.08 2.87
CA THR B 5 27.34 21.65 3.19
C THR B 5 27.12 20.82 1.94
N TYR B 6 28.22 20.43 1.29
CA TYR B 6 28.13 19.60 0.09
C TYR B 6 27.89 18.14 0.43
N ASN B 7 27.98 17.76 1.70
CA ASN B 7 27.78 16.37 2.10
C ASN B 7 26.32 15.96 2.13
N LYS B 8 25.39 16.90 1.92
CA LYS B 8 23.97 16.56 1.86
C LYS B 8 23.67 15.65 0.68
N VAL B 9 24.32 15.90 -0.45
CA VAL B 9 24.23 14.94 -1.56
C VAL B 9 25.13 13.74 -1.30
N GLY B 10 26.06 13.84 -0.35
CA GLY B 10 26.86 12.69 0.01
C GLY B 10 26.07 11.61 0.71
N LEU B 11 25.12 11.99 1.55
CA LEU B 11 24.28 10.99 2.21
C LEU B 11 23.32 10.32 1.25
N TYR B 12 22.81 11.07 0.25
CA TYR B 12 21.86 10.48 -0.68
C TYR B 12 22.51 9.47 -1.61
N ILE B 13 23.78 9.67 -1.95
CA ILE B 13 24.53 8.62 -2.63
C ILE B 13 24.79 7.47 -1.67
N LEU B 14 25.07 7.78 -0.41
CA LEU B 14 25.19 6.74 0.62
C LEU B 14 23.83 6.15 0.98
N SER B 15 22.74 6.86 0.69
CA SER B 15 21.41 6.30 0.91
C SER B 15 21.15 5.13 -0.02
N LEU B 16 21.54 5.25 -1.29
CA LEU B 16 21.29 4.13 -2.19
C LEU B 16 22.38 3.07 -2.01
N ALA B 17 23.59 3.34 -2.49
CA ALA B 17 24.86 2.69 -2.10
C ALA B 17 24.95 1.19 -2.36
N MET B 18 23.84 0.54 -2.69
CA MET B 18 23.76 -0.88 -2.99
C MET B 18 22.87 -1.16 -4.18
N LEU B 19 21.94 -0.24 -4.50
CA LEU B 19 21.18 -0.32 -5.76
C LEU B 19 22.10 -0.25 -6.97
N PHE B 20 23.19 0.51 -6.86
CA PHE B 20 24.17 0.58 -7.95
C PHE B 20 24.86 -0.76 -8.18
N VAL B 21 24.95 -1.60 -7.14
CA VAL B 21 25.44 -2.96 -7.35
C VAL B 21 24.42 -3.79 -8.13
N PHE B 22 23.13 -3.51 -7.93
CA PHE B 22 22.09 -4.28 -8.63
C PHE B 22 22.06 -3.96 -10.12
N ILE B 23 22.31 -2.70 -10.50
CA ILE B 23 22.23 -2.32 -11.91
C ILE B 23 23.42 -2.88 -12.68
N ILE B 24 24.55 -3.09 -12.01
CA ILE B 24 25.67 -3.81 -12.60
C ILE B 24 25.26 -5.25 -12.91
N ILE B 25 24.55 -5.88 -11.98
CA ILE B 25 24.09 -7.25 -12.18
C ILE B 25 22.98 -7.30 -13.23
N LEU B 26 22.07 -6.32 -13.20
CA LEU B 26 20.89 -6.35 -14.06
C LEU B 26 21.24 -6.05 -15.52
N THR B 27 21.72 -4.85 -15.79
CA THR B 27 22.06 -4.43 -17.15
C THR B 27 23.56 -4.63 -17.33
N ALA B 28 23.94 -5.72 -18.01
CA ALA B 28 25.34 -5.99 -18.30
C ALA B 28 25.38 -6.82 -19.58
N LYS B 29 25.64 -6.16 -20.71
CA LYS B 29 25.71 -6.85 -22.00
C LYS B 29 27.15 -7.22 -22.33
N ILE B 30 27.74 -8.02 -21.44
CA ILE B 30 29.10 -8.54 -21.63
C ILE B 30 29.03 -9.71 -22.60
N PRO B 31 30.07 -9.97 -23.40
CA PRO B 31 30.07 -11.15 -24.27
C PRO B 31 30.65 -12.39 -23.59
N LEU B 43 38.37 -3.18 -25.98
CA LEU B 43 37.44 -2.77 -27.03
C LEU B 43 36.55 -1.63 -26.55
N LYS B 44 36.44 -0.59 -27.36
CA LYS B 44 35.60 0.55 -27.00
C LYS B 44 34.14 0.32 -27.42
N LYS B 45 33.90 -0.72 -28.22
CA LYS B 45 32.54 -1.07 -28.63
C LYS B 45 31.70 -1.52 -27.44
N LEU B 46 32.30 -2.32 -26.55
CA LEU B 46 31.60 -2.76 -25.34
C LEU B 46 31.32 -1.59 -24.41
N VAL B 47 32.21 -0.60 -24.40
CA VAL B 47 31.95 0.66 -23.70
C VAL B 47 30.82 1.44 -24.34
N LEU B 48 30.66 1.35 -25.66
CA LEU B 48 29.60 2.04 -26.37
C LEU B 48 28.27 1.29 -26.36
N THR B 49 28.24 0.02 -25.92
CA THR B 49 26.99 -0.71 -25.81
C THR B 49 26.27 -0.52 -24.48
N ASN B 50 27.01 -0.43 -23.38
CA ASN B 50 26.40 -0.16 -22.07
C ASN B 50 27.09 1.04 -21.46
N ILE B 51 26.30 1.99 -20.95
CA ILE B 51 26.79 3.23 -20.38
C ILE B 51 26.39 3.35 -18.92
N VAL B 52 25.16 2.93 -18.60
CA VAL B 52 24.61 2.86 -17.25
C VAL B 52 25.48 2.03 -16.29
N PRO B 53 26.12 0.90 -16.70
CA PRO B 53 27.14 0.31 -15.81
C PRO B 53 28.31 1.24 -15.47
N ILE B 54 28.78 2.04 -16.42
CA ILE B 54 29.89 2.95 -16.14
C ILE B 54 29.45 4.05 -15.20
N VAL B 55 28.24 4.59 -15.42
CA VAL B 55 27.71 5.65 -14.56
C VAL B 55 27.47 5.11 -13.14
N CYS B 56 26.96 3.89 -13.04
CA CYS B 56 26.75 3.29 -11.73
C CYS B 56 28.06 2.93 -11.05
N PHE B 57 29.11 2.61 -11.81
CA PHE B 57 30.41 2.35 -11.19
C PHE B 57 31.04 3.64 -10.67
N VAL B 58 30.88 4.74 -11.41
CA VAL B 58 31.35 6.04 -10.94
C VAL B 58 30.59 6.46 -9.68
N PHE B 59 29.27 6.24 -9.66
CA PHE B 59 28.47 6.56 -8.48
C PHE B 59 28.81 5.65 -7.30
N PHE B 60 29.16 4.39 -7.55
CA PHE B 60 29.57 3.49 -6.48
C PHE B 60 30.91 3.93 -5.87
N LEU B 61 31.84 4.35 -6.72
CA LEU B 61 33.12 4.86 -6.21
C LEU B 61 32.92 6.15 -5.42
N PHE B 62 32.01 7.01 -5.88
CA PHE B 62 31.67 8.21 -5.12
C PHE B 62 30.99 7.85 -3.80
N SER B 63 30.20 6.78 -3.78
CA SER B 63 29.58 6.33 -2.53
C SER B 63 30.63 5.83 -1.54
N ILE B 64 31.66 5.14 -2.04
CA ILE B 64 32.76 4.71 -1.18
C ILE B 64 33.50 5.91 -0.62
N TYR B 65 33.75 6.93 -1.45
CA TYR B 65 34.42 8.13 -0.99
C TYR B 65 33.58 8.90 0.04
N PHE B 66 32.27 8.98 -0.18
CA PHE B 66 31.41 9.64 0.80
C PHE B 66 31.27 8.84 2.08
N TYR B 67 31.36 7.51 2.00
CA TYR B 67 31.41 6.70 3.21
C TYR B 67 32.67 6.97 4.01
N ASN B 68 33.81 7.13 3.34
CA ASN B 68 35.04 7.50 4.04
C ASN B 68 34.96 8.89 4.64
N ARG B 69 34.34 9.83 3.91
CA ARG B 69 34.17 11.19 4.41
C ARG B 69 33.25 11.23 5.63
N LEU B 70 32.15 10.47 5.59
CA LEU B 70 31.27 10.37 6.74
C LEU B 70 31.91 9.62 7.90
N LYS B 71 32.86 8.72 7.61
CA LYS B 71 33.57 8.03 8.67
C LYS B 71 34.51 8.97 9.42
N ASN B 72 35.29 9.78 8.69
CA ASN B 72 36.25 10.64 9.35
C ASN B 72 35.75 12.07 9.57
N ILE B 73 34.46 12.33 9.32
CA ILE B 73 33.92 13.68 9.46
C ILE B 73 33.59 14.04 10.90
N THR B 74 33.53 13.06 11.80
CA THR B 74 33.27 13.35 13.21
C THR B 74 34.55 13.51 14.02
N LYS B 75 35.72 13.23 13.43
CA LYS B 75 36.99 13.35 14.13
C LYS B 75 37.59 14.70 13.77
N TYR B 76 37.34 15.70 14.61
CA TYR B 76 37.87 17.04 14.40
C TYR B 76 38.15 17.67 15.76
N ASN B 77 38.44 18.97 15.77
CA ASN B 77 38.84 19.68 16.97
C ASN B 77 37.70 20.41 17.66
N GLY B 78 36.45 20.15 17.27
CA GLY B 78 35.29 20.78 17.86
C GLY B 78 35.13 20.52 19.35
N GLN B 79 35.05 21.59 20.13
CA GLN B 79 35.19 21.51 21.58
C GLN B 79 33.85 21.24 22.25
N ASP B 80 33.35 20.02 22.02
CA ASP B 80 32.24 19.35 22.70
C ASP B 80 30.88 19.94 22.40
N SER B 81 29.85 19.09 22.39
CA SER B 81 28.48 19.55 22.19
C SER B 81 27.68 19.60 23.48
N VAL B 82 27.48 18.44 24.12
CA VAL B 82 26.49 18.31 25.18
C VAL B 82 26.76 17.02 25.95
N LYS B 83 26.21 16.92 27.15
CA LYS B 83 25.91 15.63 27.76
C LYS B 83 24.51 15.21 27.33
N ILE B 84 24.34 13.91 27.10
CA ILE B 84 23.12 13.42 26.45
C ILE B 84 21.96 13.44 27.44
N THR B 85 20.89 14.14 27.08
CA THR B 85 19.69 14.25 27.89
C THR B 85 18.72 13.14 27.49
N SER B 86 17.45 13.28 27.87
CA SER B 86 16.43 12.29 27.51
C SER B 86 16.24 12.21 26.00
N CYS B 87 16.23 10.98 25.49
CA CYS B 87 16.12 10.72 24.06
C CYS B 87 15.28 9.46 23.85
N GLN B 88 14.97 9.17 22.60
CA GLN B 88 14.14 8.02 22.27
C GLN B 88 14.51 7.50 20.89
N SER B 89 14.16 6.25 20.63
CA SER B 89 14.44 5.64 19.34
C SER B 89 13.48 6.16 18.28
N GLU B 90 13.81 5.94 17.02
CA GLU B 90 13.08 6.56 15.94
C GLU B 90 12.46 5.48 15.05
N SER B 91 13.25 4.44 14.74
CA SER B 91 12.98 3.40 13.75
C SER B 91 12.79 3.97 12.34
N TYR B 92 12.51 3.10 11.37
CA TYR B 92 12.60 3.47 9.97
C TYR B 92 11.22 3.69 9.36
N GLU B 93 11.21 4.33 8.20
CA GLU B 93 10.02 4.44 7.37
C GLU B 93 10.21 3.55 6.14
N SER B 94 9.38 2.51 6.02
CA SER B 94 9.53 1.56 4.93
C SER B 94 9.07 2.09 3.59
N LEU B 95 8.31 3.20 3.57
CA LEU B 95 7.84 3.77 2.32
C LEU B 95 8.99 4.32 1.48
N THR B 96 10.06 4.79 2.12
CA THR B 96 11.24 5.19 1.38
C THR B 96 11.90 3.99 0.70
N PHE B 97 11.92 2.83 1.37
CA PHE B 97 12.48 1.65 0.73
C PHE B 97 11.59 1.12 -0.38
N LEU B 98 10.27 1.30 -0.27
CA LEU B 98 9.43 0.90 -1.38
C LEU B 98 9.55 1.88 -2.55
N ALA B 99 9.82 3.16 -2.24
CA ALA B 99 9.88 4.17 -3.29
C ALA B 99 11.19 4.11 -4.06
N THR B 100 12.31 4.28 -3.37
CA THR B 100 13.57 4.51 -4.05
C THR B 100 14.30 3.24 -4.44
N TYR B 101 13.82 2.07 -4.04
CA TYR B 101 14.62 0.87 -4.22
C TYR B 101 13.94 -0.19 -5.06
N ILE B 102 12.66 -0.49 -4.81
CA ILE B 102 11.95 -1.50 -5.59
C ILE B 102 11.61 -0.98 -6.98
N VAL B 103 11.04 0.23 -7.05
CA VAL B 103 10.57 0.79 -8.32
C VAL B 103 11.70 1.12 -9.30
N PRO B 104 12.85 1.72 -8.91
CA PRO B 104 13.95 1.79 -9.89
C PRO B 104 14.51 0.44 -10.28
N PHE B 105 14.45 -0.56 -9.38
CA PHE B 105 14.86 -1.92 -9.72
C PHE B 105 13.98 -2.51 -10.81
N MET B 106 12.66 -2.24 -10.74
CA MET B 106 11.78 -2.73 -11.79
C MET B 106 11.88 -1.88 -13.05
N GLY B 107 12.20 -0.61 -12.89
CA GLY B 107 12.38 0.24 -14.05
C GLY B 107 13.58 -0.17 -14.87
N PHE B 108 14.68 -0.49 -14.20
CA PHE B 108 15.91 -0.69 -14.93
C PHE B 108 16.05 -2.10 -15.49
N SER B 109 15.07 -2.97 -15.29
CA SER B 109 15.03 -4.28 -15.95
C SER B 109 13.67 -4.46 -16.61
N PHE B 110 13.53 -3.91 -17.81
CA PHE B 110 12.43 -4.26 -18.71
C PHE B 110 12.81 -4.29 -20.18
N GLU B 111 14.01 -3.82 -20.54
CA GLU B 111 14.40 -3.44 -21.90
C GLU B 111 13.40 -2.48 -22.52
N ASP B 112 13.30 -2.51 -23.86
CA ASP B 112 12.30 -1.86 -24.69
C ASP B 112 12.40 -0.34 -24.75
N MET B 113 13.25 0.27 -23.91
CA MET B 113 13.62 1.69 -23.88
C MET B 113 12.45 2.61 -23.46
N GLN B 114 11.25 2.05 -23.33
CA GLN B 114 10.02 2.81 -23.21
C GLN B 114 9.29 2.54 -21.89
N LYS B 115 9.66 1.46 -21.19
CA LYS B 115 9.05 1.14 -19.91
C LYS B 115 9.83 1.71 -18.75
N ASN B 116 11.17 1.78 -18.87
CA ASN B 116 12.00 2.38 -17.85
C ASN B 116 11.72 3.86 -17.67
N ILE B 117 11.36 4.57 -18.75
CA ILE B 117 10.97 5.97 -18.64
C ILE B 117 9.69 6.11 -17.83
N ALA B 118 8.73 5.21 -18.05
CA ALA B 118 7.48 5.23 -17.31
C ALA B 118 7.70 4.94 -15.82
N TYR B 119 8.51 3.93 -15.50
CA TYR B 119 8.74 3.62 -14.09
C TYR B 119 9.62 4.66 -13.41
N LEU B 120 10.55 5.26 -14.15
CA LEU B 120 11.36 6.33 -13.61
C LEU B 120 10.60 7.65 -13.49
N LEU B 121 9.46 7.78 -14.15
CA LEU B 121 8.55 8.86 -13.82
C LEU B 121 7.64 8.50 -12.66
N LEU B 122 7.34 7.21 -12.50
CA LEU B 122 6.55 6.79 -11.34
C LEU B 122 7.33 6.99 -10.04
N VAL B 123 8.65 6.81 -10.07
CA VAL B 123 9.43 7.07 -8.86
C VAL B 123 9.46 8.57 -8.54
N VAL B 124 9.41 9.42 -9.57
CA VAL B 124 9.30 10.86 -9.36
C VAL B 124 7.94 11.21 -8.76
N VAL B 125 6.88 10.56 -9.23
CA VAL B 125 5.53 10.79 -8.73
C VAL B 125 5.43 10.36 -7.25
N ILE B 126 6.00 9.20 -6.91
CA ILE B 126 5.96 8.75 -5.52
C ILE B 126 6.83 9.64 -4.64
N GLY B 127 7.99 10.06 -5.14
CA GLY B 127 8.86 10.95 -4.38
C GLY B 127 8.29 12.34 -4.17
N ILE B 128 7.38 12.77 -5.03
CA ILE B 128 6.71 14.06 -4.81
C ILE B 128 5.51 13.91 -3.90
N ILE B 129 4.59 12.99 -4.20
CA ILE B 129 3.26 13.02 -3.58
C ILE B 129 3.11 12.09 -2.39
N PHE B 130 4.03 11.16 -2.15
CA PHE B 130 3.86 10.20 -1.07
C PHE B 130 4.81 10.37 0.10
N ILE B 131 5.96 10.99 -0.12
CA ILE B 131 6.92 11.23 0.96
C ILE B 131 7.26 12.70 0.97
N LYS B 132 7.63 13.20 2.15
CA LYS B 132 8.00 14.59 2.28
C LYS B 132 9.38 14.84 1.69
N THR B 133 9.71 16.12 1.50
CA THR B 133 10.99 16.48 0.92
C THR B 133 12.15 16.20 1.88
N ASP B 134 11.95 16.50 3.17
CA ASP B 134 13.04 16.35 4.13
C ASP B 134 13.25 14.91 4.59
N LYS B 135 12.26 14.03 4.43
CA LYS B 135 12.40 12.66 4.91
C LYS B 135 12.88 11.72 3.80
N TYR B 136 13.96 12.11 3.13
CA TYR B 136 14.65 11.28 2.15
C TYR B 136 15.93 10.69 2.73
N TYR B 137 16.28 11.05 3.95
CA TYR B 137 17.46 10.56 4.63
C TYR B 137 17.17 9.33 5.50
N ALA B 138 15.91 8.93 5.61
CA ALA B 138 15.50 7.83 6.49
C ALA B 138 15.39 6.52 5.72
N ASN B 139 16.31 6.33 4.78
CA ASN B 139 16.30 5.13 3.94
C ASN B 139 16.64 3.89 4.76
N PRO B 140 15.84 2.82 4.68
CA PRO B 140 16.21 1.58 5.36
C PRO B 140 17.42 0.89 4.76
N THR B 141 17.84 1.26 3.55
CA THR B 141 19.11 0.78 3.02
C THR B 141 20.27 1.25 3.87
N LEU B 142 20.16 2.43 4.47
CA LEU B 142 21.15 2.95 5.41
C LEU B 142 20.96 2.32 6.79
N ALA B 143 21.15 1.01 6.83
CA ALA B 143 21.30 0.24 8.06
C ALA B 143 22.41 -0.77 7.99
N LEU B 144 22.91 -1.08 6.79
CA LEU B 144 24.01 -2.02 6.65
C LEU B 144 25.30 -1.43 7.18
N PHE B 145 25.52 -0.13 7.00
CA PHE B 145 26.78 0.48 7.41
C PHE B 145 26.73 1.01 8.83
N GLY B 146 26.23 0.21 9.76
CA GLY B 146 26.28 0.48 11.19
C GLY B 146 25.64 1.78 11.65
N PHE B 147 24.53 2.18 11.03
CA PHE B 147 23.92 3.47 11.31
C PHE B 147 22.61 3.29 12.07
N LYS B 148 22.30 4.27 12.91
CA LYS B 148 21.10 4.22 13.75
C LYS B 148 20.70 5.64 14.11
N LEU B 149 19.40 5.93 14.08
CA LEU B 149 18.90 7.25 14.44
C LEU B 149 18.32 7.24 15.85
N TYR B 150 18.60 8.32 16.58
CA TYR B 150 17.98 8.59 17.88
C TYR B 150 17.55 10.05 17.88
N ARG B 151 16.33 10.31 18.32
CA ARG B 151 15.86 11.69 18.45
C ARG B 151 16.27 12.22 19.83
N VAL B 152 17.17 13.20 19.84
CA VAL B 152 17.81 13.66 21.07
C VAL B 152 17.44 15.11 21.34
N ASN B 153 17.01 15.36 22.58
CA ASN B 153 16.72 16.71 23.03
C ASN B 153 17.95 17.32 23.70
N ILE B 154 18.82 17.96 22.92
CA ILE B 154 20.10 18.45 23.40
C ILE B 154 19.88 19.70 24.25
N LEU B 155 20.45 19.73 25.44
CA LEU B 155 20.40 20.94 26.28
C LEU B 155 21.79 21.47 26.56
N GLY B 158 28.60 26.17 27.05
CA GLY B 158 27.65 25.13 26.72
C GLY B 158 27.19 25.18 25.28
N SER B 159 25.99 24.66 25.02
CA SER B 159 25.44 24.66 23.68
C SER B 159 24.12 25.43 23.63
N GLY B 160 23.24 25.16 24.58
CA GLY B 160 21.94 25.80 24.63
C GLY B 160 20.81 24.81 24.40
N GLU B 161 19.59 25.35 24.38
CA GLU B 161 18.41 24.54 24.15
C GLU B 161 18.35 24.10 22.68
N THR B 162 18.03 22.82 22.48
CA THR B 162 17.95 22.23 21.15
C THR B 162 16.91 21.12 21.15
N LYS B 163 15.88 21.27 20.34
CA LYS B 163 14.80 20.30 20.31
C LYS B 163 14.57 19.83 18.88
N ASN B 164 14.01 18.62 18.75
CA ASN B 164 13.63 17.99 17.47
C ASN B 164 14.82 17.85 16.52
N LEU B 165 15.97 17.43 17.04
CA LEU B 165 17.18 17.20 16.24
C LEU B 165 17.43 15.69 16.20
N ILE B 166 17.12 15.10 15.06
CA ILE B 166 17.28 13.66 14.87
C ILE B 166 18.72 13.37 14.49
N ALA B 167 19.39 12.57 15.31
CA ALA B 167 20.84 12.38 15.23
C ALA B 167 21.17 11.04 14.59
N ILE B 168 22.08 11.07 13.63
CA ILE B 168 22.66 9.85 13.09
C ILE B 168 23.80 9.41 13.99
N SER B 169 23.74 8.19 14.51
CA SER B 169 24.77 7.68 15.40
C SER B 169 25.20 6.30 14.96
N ASN B 170 26.45 5.97 15.26
CA ASN B 170 27.02 4.67 14.89
C ASN B 170 26.95 3.66 16.03
N ASP B 171 26.38 4.01 17.17
CA ASP B 171 26.29 3.12 18.30
C ASP B 171 25.08 3.51 19.15
N VAL B 172 24.94 2.88 20.31
CA VAL B 172 23.84 3.19 21.21
C VAL B 172 24.09 4.54 21.88
N LEU B 173 23.00 5.14 22.36
CA LEU B 173 23.05 6.46 22.98
C LEU B 173 22.44 6.39 24.38
N LYS B 174 23.28 6.11 25.37
CA LYS B 174 22.85 6.20 26.76
C LYS B 174 22.87 7.66 27.20
N VAL B 175 22.31 7.92 28.38
CA VAL B 175 22.07 9.28 28.85
C VAL B 175 23.23 9.74 29.72
N ASP B 176 23.42 11.07 29.75
CA ASP B 176 24.37 11.78 30.62
C ASP B 176 25.81 11.32 30.38
N ASP B 177 26.29 11.56 29.15
CA ASP B 177 27.65 11.19 28.77
C ASP B 177 28.10 12.05 27.61
N ASN B 178 29.42 12.07 27.40
CA ASN B 178 30.04 12.97 26.45
C ASN B 178 29.78 12.51 25.02
N VAL B 179 29.60 13.48 24.13
CA VAL B 179 29.35 13.21 22.71
C VAL B 179 29.92 14.36 21.89
N TYR B 180 30.62 14.03 20.81
CA TYR B 180 31.05 15.03 19.85
C TYR B 180 30.03 15.12 18.72
N TYR B 181 30.02 16.28 18.06
CA TYR B 181 28.98 16.61 17.10
C TYR B 181 29.58 17.09 15.80
N SER B 182 28.84 16.84 14.72
CA SER B 182 29.02 17.53 13.46
C SER B 182 27.69 18.19 13.14
N PHE B 183 27.57 18.83 11.98
CA PHE B 183 26.27 19.37 11.59
C PHE B 183 26.01 19.08 10.13
N PHE B 184 24.78 18.66 9.85
CA PHE B 184 24.35 18.22 8.53
C PHE B 184 23.24 19.11 7.99
N ASP B 185 22.22 19.36 8.80
CA ASP B 185 21.15 20.29 8.50
C ASP B 185 20.66 20.84 9.84
N GLU B 186 19.59 21.63 9.83
CA GLU B 186 18.99 22.06 11.08
C GLU B 186 17.96 21.08 11.61
N PHE B 187 17.69 19.99 10.88
CA PHE B 187 16.94 18.85 11.42
C PHE B 187 17.83 17.66 11.79
N VAL B 188 18.87 17.37 10.99
CA VAL B 188 19.70 16.20 11.21
C VAL B 188 21.16 16.63 11.44
N PHE B 189 21.89 15.76 12.13
CA PHE B 189 23.32 15.94 12.36
C PHE B 189 23.94 14.59 12.70
N ILE B 190 25.27 14.58 12.87
CA ILE B 190 26.05 13.38 13.14
C ILE B 190 26.64 13.48 14.53
N ALA B 191 26.60 12.38 15.28
CA ALA B 191 27.12 12.32 16.64
C ALA B 191 27.95 11.07 16.82
N ARG B 192 29.00 11.17 17.65
CA ARG B 192 29.85 10.02 17.96
C ARG B 192 30.10 10.05 19.47
N LYS B 193 30.12 8.88 20.09
CA LYS B 193 30.23 8.77 21.54
C LYS B 193 31.68 8.74 22.00
N LYS B 194 32.03 9.63 22.93
CA LYS B 194 33.36 9.69 23.52
C LYS B 194 33.30 9.07 24.90
N ILE B 195 34.17 8.09 25.15
CA ILE B 195 34.25 7.43 26.44
C ILE B 195 35.59 7.74 27.10
N ASN C 4 20.86 -15.31 19.59
CA ASN C 4 20.33 -16.37 18.75
C ASN C 4 19.77 -15.82 17.45
N THR C 5 20.67 -15.37 16.57
CA THR C 5 20.26 -14.75 15.32
C THR C 5 20.02 -15.76 14.20
N TYR C 6 20.21 -17.06 14.47
CA TYR C 6 19.95 -18.05 13.42
C TYR C 6 18.46 -18.24 13.20
N ASN C 7 17.67 -18.27 14.30
CA ASN C 7 16.22 -18.31 14.15
C ASN C 7 15.65 -16.96 13.76
N LYS C 8 16.42 -15.88 13.95
CA LYS C 8 15.97 -14.56 13.59
C LYS C 8 15.81 -14.43 12.07
N VAL C 9 16.80 -14.89 11.30
CA VAL C 9 16.65 -14.94 9.86
C VAL C 9 15.68 -16.05 9.47
N GLY C 10 15.46 -17.01 10.37
CA GLY C 10 14.55 -18.10 10.07
C GLY C 10 13.10 -17.70 10.11
N LEU C 11 12.74 -16.75 10.97
CA LEU C 11 11.38 -16.21 10.93
C LEU C 11 11.13 -15.48 9.62
N TYR C 12 12.13 -14.75 9.12
CA TYR C 12 11.98 -14.08 7.84
C TYR C 12 11.88 -15.08 6.70
N ILE C 13 12.66 -16.16 6.75
CA ILE C 13 12.57 -17.14 5.67
C ILE C 13 11.32 -18.00 5.80
N LEU C 14 10.70 -18.04 6.99
CA LEU C 14 9.41 -18.68 7.14
C LEU C 14 8.30 -17.80 6.62
N SER C 15 8.43 -16.48 6.77
CA SER C 15 7.40 -15.55 6.32
C SER C 15 7.47 -15.24 4.84
N LEU C 16 8.07 -16.09 4.03
CA LEU C 16 8.22 -15.83 2.61
C LEU C 16 8.07 -17.13 1.82
N ALA C 17 7.39 -18.12 2.41
CA ALA C 17 7.16 -19.39 1.72
C ALA C 17 6.12 -19.27 0.62
N MET C 18 5.12 -18.42 0.81
CA MET C 18 4.11 -18.22 -0.22
C MET C 18 4.70 -17.50 -1.44
N LEU C 19 5.79 -16.75 -1.27
CA LEU C 19 6.54 -16.25 -2.42
C LEU C 19 7.14 -17.38 -3.22
N PHE C 20 7.65 -18.41 -2.54
CA PHE C 20 8.19 -19.57 -3.25
C PHE C 20 7.09 -20.31 -3.99
N VAL C 21 5.90 -20.41 -3.38
CA VAL C 21 4.75 -21.03 -4.04
C VAL C 21 4.32 -20.22 -5.26
N PHE C 22 4.31 -18.89 -5.14
CA PHE C 22 3.99 -18.01 -6.27
C PHE C 22 5.01 -18.16 -7.39
N ILE C 23 6.29 -18.32 -7.05
CA ILE C 23 7.31 -18.43 -8.07
C ILE C 23 7.19 -19.76 -8.82
N ILE C 24 6.96 -20.88 -8.10
CA ILE C 24 6.86 -22.15 -8.81
C ILE C 24 5.58 -22.21 -9.63
N ILE C 25 4.52 -21.53 -9.17
CA ILE C 25 3.28 -21.44 -9.96
C ILE C 25 3.50 -20.60 -11.21
N LEU C 26 4.17 -19.45 -11.07
CA LEU C 26 4.32 -18.50 -12.16
C LEU C 26 5.37 -18.93 -13.19
N THR C 27 6.36 -19.72 -12.78
CA THR C 27 7.54 -19.94 -13.61
C THR C 27 7.55 -21.28 -14.33
N ALA C 28 7.10 -22.36 -13.67
CA ALA C 28 7.35 -23.73 -14.10
C ALA C 28 6.72 -24.05 -15.46
N LYS C 29 7.44 -24.85 -16.23
CA LYS C 29 7.13 -25.09 -17.63
C LYS C 29 6.85 -26.57 -17.91
N ILE C 30 6.00 -27.18 -17.08
CA ILE C 30 5.66 -28.60 -17.18
C ILE C 30 4.86 -28.82 -18.45
N PRO C 31 5.32 -29.69 -19.37
CA PRO C 31 4.55 -29.99 -20.59
C PRO C 31 3.41 -30.97 -20.34
N ILE C 41 9.07 -38.17 -17.20
CA ILE C 41 10.39 -38.57 -17.67
C ILE C 41 10.99 -37.44 -18.50
N GLY C 42 12.30 -37.51 -18.72
CA GLY C 42 13.01 -36.47 -19.45
C GLY C 42 14.38 -36.21 -18.87
N LEU C 43 14.53 -36.50 -17.56
CA LEU C 43 15.78 -36.44 -16.81
C LEU C 43 16.44 -35.06 -16.85
N LYS C 44 17.50 -34.94 -17.66
CA LYS C 44 18.33 -33.74 -17.66
C LYS C 44 17.63 -32.52 -18.22
N LYS C 45 16.71 -32.73 -19.18
CA LYS C 45 16.02 -31.60 -19.79
C LYS C 45 15.03 -30.95 -18.81
N LEU C 46 14.27 -31.78 -18.08
CA LEU C 46 13.30 -31.26 -17.12
C LEU C 46 13.98 -30.57 -15.96
N VAL C 47 15.18 -31.03 -15.58
CA VAL C 47 15.98 -30.31 -14.60
C VAL C 47 16.52 -29.01 -15.19
N LEU C 48 16.93 -29.04 -16.46
CA LEU C 48 17.66 -27.92 -17.04
C LEU C 48 16.76 -26.72 -17.30
N THR C 49 15.58 -26.94 -17.90
CA THR C 49 14.71 -25.81 -18.15
C THR C 49 13.97 -25.33 -16.91
N ASN C 50 13.90 -26.15 -15.85
CA ASN C 50 13.30 -25.75 -14.59
C ASN C 50 14.37 -25.83 -13.51
N ILE C 51 15.16 -24.76 -13.39
CA ILE C 51 16.10 -24.61 -12.28
C ILE C 51 15.54 -23.67 -11.21
N VAL C 52 14.81 -22.65 -11.64
CA VAL C 52 14.11 -21.79 -10.69
C VAL C 52 13.03 -22.54 -9.91
N PRO C 53 12.17 -23.40 -10.51
CA PRO C 53 11.25 -24.18 -9.66
C PRO C 53 11.89 -25.11 -8.65
N ILE C 54 12.99 -25.79 -8.99
CA ILE C 54 13.58 -26.70 -8.02
C ILE C 54 14.34 -25.93 -6.94
N VAL C 55 14.91 -24.77 -7.30
CA VAL C 55 15.54 -23.90 -6.29
C VAL C 55 14.50 -23.38 -5.30
N CYS C 56 13.34 -22.93 -5.81
CA CYS C 56 12.29 -22.48 -4.91
C CYS C 56 11.64 -23.63 -4.15
N PHE C 57 11.67 -24.84 -4.70
CA PHE C 57 11.20 -26.00 -3.94
C PHE C 57 12.13 -26.31 -2.78
N VAL C 58 13.45 -26.22 -3.00
CA VAL C 58 14.43 -26.43 -1.93
C VAL C 58 14.24 -25.38 -0.84
N PHE C 59 13.98 -24.14 -1.25
CA PHE C 59 13.62 -23.09 -0.29
C PHE C 59 12.31 -23.38 0.43
N PHE C 60 11.38 -24.07 -0.24
CA PHE C 60 10.11 -24.41 0.41
C PHE C 60 10.30 -25.49 1.47
N LEU C 61 11.12 -26.51 1.21
CA LEU C 61 11.42 -27.47 2.27
C LEU C 61 12.23 -26.83 3.39
N PHE C 62 13.04 -25.81 3.07
CA PHE C 62 13.72 -25.06 4.12
C PHE C 62 12.72 -24.32 5.01
N SER C 63 11.68 -23.74 4.41
CA SER C 63 10.67 -23.06 5.19
C SER C 63 9.84 -24.03 6.02
N ILE C 64 9.57 -25.22 5.48
CA ILE C 64 8.86 -26.25 6.25
C ILE C 64 9.70 -26.74 7.43
N TYR C 65 11.02 -26.88 7.21
CA TYR C 65 11.94 -27.23 8.28
C TYR C 65 11.93 -26.17 9.37
N PHE C 66 11.89 -24.89 8.98
CA PHE C 66 11.91 -23.86 10.01
C PHE C 66 10.56 -23.74 10.70
N TYR C 67 9.48 -24.12 10.03
CA TYR C 67 8.19 -24.23 10.70
C TYR C 67 8.23 -25.33 11.76
N ASN C 68 8.87 -26.46 11.44
CA ASN C 68 9.01 -27.57 12.40
C ASN C 68 9.86 -27.11 13.57
N ARG C 69 10.93 -26.36 13.29
CA ARG C 69 11.82 -25.85 14.35
C ARG C 69 11.10 -24.84 15.23
N LEU C 70 10.28 -23.97 14.65
CA LEU C 70 9.56 -22.98 15.43
C LEU C 70 8.43 -23.62 16.24
N LYS C 71 7.87 -24.73 15.76
CA LYS C 71 6.91 -25.47 16.58
C LYS C 71 7.60 -26.20 17.72
N ASN C 72 8.80 -26.73 17.50
CA ASN C 72 9.48 -27.54 18.51
C ASN C 72 10.38 -26.75 19.44
N ILE C 73 10.58 -25.45 19.20
CA ILE C 73 11.54 -24.68 19.98
C ILE C 73 11.01 -24.38 21.38
N THR C 74 9.68 -24.45 21.58
CA THR C 74 9.09 -23.97 22.82
C THR C 74 9.37 -24.90 23.99
N LYS C 75 9.26 -26.22 23.78
CA LYS C 75 9.60 -27.20 24.82
C LYS C 75 11.12 -27.36 24.85
N TYR C 76 11.77 -26.41 25.53
CA TYR C 76 13.23 -26.35 25.62
C TYR C 76 13.74 -26.89 26.95
N ASN C 77 12.92 -27.70 27.64
CA ASN C 77 13.21 -28.29 28.96
C ASN C 77 13.54 -27.22 30.00
N GLY C 78 12.79 -26.12 29.96
CA GLY C 78 12.92 -25.08 30.96
C GLY C 78 11.81 -25.13 31.99
N GLN C 79 10.59 -25.40 31.51
CA GLN C 79 9.37 -25.55 32.32
C GLN C 79 9.11 -24.31 33.17
N ASP C 80 9.26 -23.15 32.55
CA ASP C 80 9.04 -21.87 33.21
C ASP C 80 7.59 -21.42 33.04
N SER C 81 7.11 -20.66 34.02
CA SER C 81 5.71 -20.29 34.14
C SER C 81 5.57 -18.80 34.42
N VAL C 82 6.23 -17.98 33.60
CA VAL C 82 6.17 -16.53 33.77
C VAL C 82 4.76 -16.03 33.47
N LYS C 83 4.26 -15.16 34.34
CA LYS C 83 2.88 -14.70 34.26
C LYS C 83 2.76 -13.44 33.40
N ILE C 84 1.52 -13.07 33.10
CA ILE C 84 1.21 -11.96 32.21
C ILE C 84 0.55 -10.85 33.02
N THR C 85 1.09 -9.64 32.92
CA THR C 85 0.52 -8.48 33.58
C THR C 85 -0.32 -7.62 32.65
N SER C 86 0.19 -7.27 31.48
CA SER C 86 -0.56 -6.45 30.53
C SER C 86 -0.32 -6.98 29.13
N CYS C 87 -1.37 -7.00 28.31
CA CYS C 87 -1.29 -7.55 26.98
C CYS C 87 -2.26 -6.82 26.07
N GLN C 88 -1.79 -6.45 24.87
CA GLN C 88 -2.60 -5.71 23.91
C GLN C 88 -2.07 -5.97 22.51
N SER C 89 -2.98 -5.93 21.54
CA SER C 89 -2.67 -6.42 20.20
C SER C 89 -1.84 -5.40 19.40
N GLU C 90 -0.80 -5.89 18.74
CA GLU C 90 0.18 -5.05 18.07
C GLU C 90 -0.10 -4.85 16.59
N SER C 91 -0.40 -5.93 15.88
CA SER C 91 -0.64 -6.03 14.42
C SER C 91 0.59 -5.67 13.58
N TYR C 92 0.54 -6.02 12.30
CA TYR C 92 1.69 -5.88 11.43
C TYR C 92 1.71 -4.50 10.79
N GLU C 93 2.83 -4.17 10.14
CA GLU C 93 2.94 -2.87 9.49
C GLU C 93 2.16 -2.82 8.18
N SER C 94 1.97 -3.98 7.53
CA SER C 94 1.24 -4.17 6.27
C SER C 94 1.84 -3.38 5.10
N LEU C 95 3.11 -2.97 5.20
CA LEU C 95 3.89 -2.54 4.05
C LEU C 95 5.02 -3.51 3.74
N THR C 96 5.39 -4.35 4.70
CA THR C 96 6.35 -5.41 4.47
C THR C 96 5.80 -6.46 3.49
N PHE C 97 4.47 -6.58 3.40
CA PHE C 97 3.88 -7.35 2.31
C PHE C 97 4.19 -6.72 0.96
N LEU C 98 4.09 -5.40 0.88
CA LEU C 98 4.34 -4.71 -0.38
C LEU C 98 5.82 -4.60 -0.71
N ALA C 99 6.72 -4.85 0.25
CA ALA C 99 8.14 -4.71 -0.01
C ALA C 99 8.79 -5.97 -0.55
N THR C 100 8.18 -7.14 -0.39
CA THR C 100 8.76 -8.39 -0.89
C THR C 100 7.90 -9.10 -1.92
N TYR C 101 6.60 -8.87 -1.95
CA TYR C 101 5.67 -9.62 -2.80
C TYR C 101 5.26 -8.87 -4.05
N ILE C 102 5.53 -7.56 -4.13
CA ILE C 102 5.20 -6.81 -5.34
C ILE C 102 6.18 -7.08 -6.47
N VAL C 103 7.31 -7.72 -6.17
CA VAL C 103 8.35 -7.98 -7.16
C VAL C 103 7.92 -8.95 -8.27
N PRO C 104 7.46 -10.18 -8.03
CA PRO C 104 7.21 -11.06 -9.17
C PRO C 104 5.90 -10.81 -9.90
N PHE C 105 5.09 -9.86 -9.43
CA PHE C 105 3.80 -9.54 -10.04
C PHE C 105 3.76 -8.14 -10.61
N MET C 106 4.89 -7.44 -10.69
CA MET C 106 4.99 -6.18 -11.41
C MET C 106 5.53 -6.38 -12.82
N GLY C 107 5.42 -7.59 -13.36
CA GLY C 107 5.85 -7.86 -14.71
C GLY C 107 7.26 -8.38 -14.85
N PHE C 108 7.89 -8.83 -13.77
CA PHE C 108 9.26 -9.32 -13.81
C PHE C 108 9.31 -10.64 -14.58
N SER C 109 10.01 -10.63 -15.72
CA SER C 109 10.07 -11.78 -16.61
C SER C 109 11.30 -12.60 -16.29
N PHE C 110 11.09 -13.85 -15.86
CA PHE C 110 12.20 -14.75 -15.51
C PHE C 110 12.70 -15.42 -16.79
N GLU C 111 13.50 -14.68 -17.55
CA GLU C 111 14.02 -15.16 -18.82
C GLU C 111 15.52 -15.43 -18.76
N ASP C 112 16.31 -14.48 -18.26
CA ASP C 112 17.75 -14.65 -18.16
C ASP C 112 18.14 -14.84 -16.69
N MET C 113 19.23 -15.57 -16.47
CA MET C 113 19.67 -15.85 -15.11
C MET C 113 20.30 -14.65 -14.42
N GLN C 114 20.69 -13.61 -15.19
CA GLN C 114 21.19 -12.39 -14.58
C GLN C 114 20.11 -11.71 -13.75
N LYS C 115 18.89 -11.65 -14.28
CA LYS C 115 17.78 -11.04 -13.56
C LYS C 115 17.38 -11.86 -12.34
N ASN C 116 17.46 -13.19 -12.43
CA ASN C 116 17.16 -14.03 -11.26
C ASN C 116 18.24 -13.89 -10.19
N ILE C 117 19.49 -13.72 -10.60
CA ILE C 117 20.57 -13.49 -9.65
C ILE C 117 20.38 -12.15 -8.95
N ALA C 118 19.95 -11.12 -9.71
CA ALA C 118 19.65 -9.82 -9.12
C ALA C 118 18.47 -9.90 -8.14
N TYR C 119 17.45 -10.70 -8.48
CA TYR C 119 16.31 -10.86 -7.58
C TYR C 119 16.70 -11.58 -6.29
N LEU C 120 17.55 -12.61 -6.40
CA LEU C 120 17.99 -13.31 -5.19
C LEU C 120 18.87 -12.42 -4.32
N LEU C 121 19.71 -11.58 -4.96
CA LEU C 121 20.48 -10.60 -4.20
C LEU C 121 19.59 -9.57 -3.53
N LEU C 122 18.48 -9.18 -4.18
CA LEU C 122 17.54 -8.28 -3.54
C LEU C 122 16.83 -8.92 -2.35
N VAL C 123 16.49 -10.21 -2.45
CA VAL C 123 15.89 -10.91 -1.32
C VAL C 123 16.88 -11.01 -0.16
N VAL C 124 18.15 -11.30 -0.46
CA VAL C 124 19.17 -11.39 0.60
C VAL C 124 19.42 -10.02 1.25
N VAL C 125 19.48 -8.96 0.44
CA VAL C 125 19.69 -7.61 0.95
C VAL C 125 18.51 -7.16 1.81
N ILE C 126 17.29 -7.44 1.36
CA ILE C 126 16.12 -7.04 2.13
C ILE C 126 15.99 -7.88 3.40
N GLY C 127 16.52 -9.12 3.38
CA GLY C 127 16.56 -9.89 4.60
C GLY C 127 17.54 -9.34 5.61
N ILE C 128 18.72 -8.89 5.15
CA ILE C 128 19.71 -8.29 6.03
C ILE C 128 19.18 -6.99 6.62
N ILE C 129 18.47 -6.20 5.80
CA ILE C 129 17.88 -4.96 6.27
C ILE C 129 16.81 -5.22 7.33
N PHE C 130 15.92 -6.19 7.06
CA PHE C 130 14.85 -6.49 8.00
C PHE C 130 15.36 -7.13 9.29
N ILE C 131 16.47 -7.85 9.23
CA ILE C 131 17.07 -8.37 10.46
C ILE C 131 17.66 -7.23 11.27
N LYS C 132 18.36 -6.30 10.60
CA LYS C 132 19.08 -5.27 11.34
C LYS C 132 18.16 -4.19 11.89
N THR C 133 17.01 -3.95 11.27
CA THR C 133 16.14 -2.87 11.74
C THR C 133 15.02 -3.35 12.66
N ASP C 134 15.06 -4.62 13.09
CA ASP C 134 14.05 -5.25 13.96
C ASP C 134 12.66 -5.21 13.32
N LYS C 135 12.57 -5.70 12.09
CA LYS C 135 11.32 -5.83 11.36
C LYS C 135 11.27 -7.17 10.63
N TYR C 136 11.61 -8.24 11.35
CA TYR C 136 11.54 -9.58 10.78
C TYR C 136 10.24 -10.30 11.09
N TYR C 137 9.45 -9.79 12.04
CA TYR C 137 8.11 -10.31 12.28
C TYR C 137 7.03 -9.44 11.66
N ALA C 138 7.41 -8.37 10.98
CA ALA C 138 6.44 -7.41 10.48
C ALA C 138 5.77 -7.86 9.19
N ASN C 139 6.21 -8.95 8.60
CA ASN C 139 5.60 -9.44 7.37
C ASN C 139 4.22 -10.00 7.68
N PRO C 140 3.18 -9.56 6.97
CA PRO C 140 1.82 -10.03 7.28
C PRO C 140 1.53 -11.43 6.76
N THR C 141 2.47 -12.06 6.07
CA THR C 141 2.31 -13.46 5.68
C THR C 141 2.53 -14.41 6.86
N LEU C 142 3.05 -13.89 7.98
CA LEU C 142 3.18 -14.70 9.18
C LEU C 142 1.83 -15.11 9.76
N ALA C 143 0.77 -14.35 9.49
CA ALA C 143 -0.57 -14.75 9.93
C ALA C 143 -1.15 -15.86 9.07
N LEU C 144 -0.56 -16.13 7.91
CA LEU C 144 -1.05 -17.22 7.06
C LEU C 144 -0.73 -18.58 7.68
N PHE C 145 0.47 -18.73 8.23
CA PHE C 145 0.79 -19.95 8.96
C PHE C 145 0.16 -19.96 10.34
N GLY C 146 -0.25 -18.81 10.84
CA GLY C 146 -0.90 -18.69 12.12
C GLY C 146 0.06 -18.20 13.18
N PHE C 147 0.05 -16.89 13.40
CA PHE C 147 0.96 -16.24 14.33
C PHE C 147 0.38 -14.87 14.60
N LYS C 148 0.05 -14.57 15.86
CA LYS C 148 -0.56 -13.30 16.21
C LYS C 148 0.36 -12.53 17.14
N LEU C 149 0.58 -11.26 16.83
CA LEU C 149 1.47 -10.41 17.60
C LEU C 149 0.74 -9.82 18.80
N TYR C 150 1.38 -9.87 19.96
CA TYR C 150 0.85 -9.23 21.16
C TYR C 150 1.98 -8.46 21.83
N ARG C 151 1.72 -7.19 22.13
CA ARG C 151 2.61 -6.43 22.99
C ARG C 151 2.31 -6.82 24.43
N VAL C 152 3.24 -7.52 25.06
CA VAL C 152 2.95 -8.19 26.32
C VAL C 152 4.03 -7.79 27.33
N ASN C 153 3.69 -7.94 28.61
CA ASN C 153 4.59 -7.64 29.71
C ASN C 153 4.62 -8.85 30.64
N ILE C 154 5.76 -9.53 30.70
CA ILE C 154 5.88 -10.69 31.58
C ILE C 154 6.31 -10.23 32.97
N LEU C 155 6.07 -11.10 33.95
CA LEU C 155 6.43 -10.80 35.34
C LEU C 155 7.85 -11.21 35.67
N HIS C 156 8.26 -12.43 35.27
CA HIS C 156 9.57 -13.04 35.46
C HIS C 156 9.80 -13.10 36.98
N PRO C 157 9.15 -14.03 37.67
CA PRO C 157 9.02 -13.92 39.13
C PRO C 157 10.29 -14.23 39.90
N GLY C 158 10.62 -13.35 40.85
CA GLY C 158 11.70 -13.58 41.79
C GLY C 158 13.08 -13.16 41.33
N SER C 159 13.24 -12.77 40.07
CA SER C 159 14.56 -12.40 39.56
C SER C 159 14.48 -11.17 38.66
N GLY C 160 13.63 -10.21 39.02
CA GLY C 160 13.57 -8.96 38.29
C GLY C 160 12.28 -8.76 37.52
N GLU C 161 12.36 -7.84 36.55
CA GLU C 161 11.20 -7.44 35.77
C GLU C 161 11.67 -6.89 34.42
N THR C 162 10.84 -7.09 33.39
CA THR C 162 11.09 -6.56 32.06
C THR C 162 9.96 -5.62 31.65
N LYS C 163 10.14 -4.97 30.50
CA LYS C 163 9.17 -4.01 30.02
C LYS C 163 9.17 -3.98 28.50
N ASN C 164 7.97 -3.90 27.91
CA ASN C 164 7.73 -3.64 26.49
C ASN C 164 8.37 -4.70 25.59
N LEU C 165 7.88 -5.91 25.72
CA LEU C 165 8.34 -7.04 24.92
C LEU C 165 7.28 -7.44 23.90
N ILE C 166 7.73 -7.85 22.73
CA ILE C 166 6.84 -8.25 21.63
C ILE C 166 6.86 -9.76 21.53
N ALA C 167 5.68 -10.38 21.64
CA ALA C 167 5.55 -11.83 21.66
C ALA C 167 4.78 -12.31 20.45
N ILE C 168 5.22 -13.43 19.87
CA ILE C 168 4.55 -14.08 18.75
C ILE C 168 4.11 -15.46 19.20
N SER C 169 2.84 -15.78 18.99
CA SER C 169 2.31 -17.09 19.33
C SER C 169 1.12 -17.39 18.43
N ASN C 170 0.79 -18.67 18.33
CA ASN C 170 -0.32 -19.12 17.49
C ASN C 170 -1.61 -19.32 18.26
N ASP C 171 -1.64 -18.97 19.55
CA ASP C 171 -2.85 -19.05 20.36
C ASP C 171 -3.16 -17.69 20.95
N VAL C 172 -4.33 -17.60 21.60
CA VAL C 172 -4.75 -16.35 22.21
C VAL C 172 -4.03 -16.15 23.54
N LEU C 173 -3.52 -14.94 23.76
CA LEU C 173 -2.91 -14.57 25.03
C LEU C 173 -3.83 -13.57 25.71
N LYS C 174 -4.52 -14.02 26.74
CA LYS C 174 -5.32 -13.13 27.56
C LYS C 174 -4.44 -12.60 28.71
N VAL C 175 -5.06 -11.97 29.68
CA VAL C 175 -4.35 -11.39 30.81
C VAL C 175 -4.35 -12.40 31.95
N ASP C 176 -3.22 -12.46 32.67
CA ASP C 176 -3.03 -13.26 33.89
C ASP C 176 -3.18 -14.76 33.61
N ASP C 177 -2.27 -15.27 32.79
CA ASP C 177 -2.13 -16.71 32.58
C ASP C 177 -0.67 -17.00 32.32
N ASN C 178 -0.10 -17.94 33.08
CA ASN C 178 1.34 -18.20 33.00
C ASN C 178 1.70 -18.94 31.72
N VAL C 179 2.86 -18.59 31.16
CA VAL C 179 3.30 -19.08 29.86
C VAL C 179 4.77 -19.44 29.94
N TYR C 180 5.28 -20.04 28.85
CA TYR C 180 6.70 -20.29 28.69
C TYR C 180 7.36 -19.08 28.03
N TYR C 181 8.64 -19.20 27.68
CA TYR C 181 9.30 -18.22 26.84
C TYR C 181 10.41 -18.87 26.05
N SER C 182 10.77 -18.23 24.94
CA SER C 182 11.94 -18.63 24.15
C SER C 182 12.44 -17.37 23.45
N PHE C 183 13.50 -16.79 23.98
CA PHE C 183 13.91 -15.45 23.56
C PHE C 183 14.64 -15.49 22.23
N PHE C 184 14.32 -14.53 21.36
CA PHE C 184 15.09 -14.27 20.15
C PHE C 184 16.24 -13.30 20.46
N ASP C 185 15.90 -12.11 20.92
CA ASP C 185 16.83 -11.10 21.39
C ASP C 185 16.33 -10.60 22.73
N GLU C 186 16.86 -9.48 23.22
CA GLU C 186 16.41 -8.92 24.48
C GLU C 186 15.02 -8.30 24.41
N PHE C 187 14.44 -8.16 23.22
CA PHE C 187 13.14 -7.52 23.06
C PHE C 187 12.04 -8.44 22.56
N VAL C 188 12.37 -9.47 21.79
CA VAL C 188 11.38 -10.32 21.13
C VAL C 188 11.52 -11.74 21.67
N PHE C 189 10.40 -12.35 22.05
CA PHE C 189 10.38 -13.72 22.54
C PHE C 189 9.13 -14.41 22.04
N ILE C 190 9.03 -15.72 22.30
CA ILE C 190 7.90 -16.54 21.88
C ILE C 190 7.39 -17.34 23.07
N ALA C 191 6.09 -17.24 23.33
CA ALA C 191 5.44 -17.93 24.43
C ALA C 191 4.40 -18.90 23.89
N ARG C 192 3.95 -19.81 24.77
CA ARG C 192 2.80 -20.66 24.49
C ARG C 192 2.04 -20.87 25.79
N LYS C 193 0.74 -21.13 25.67
CA LYS C 193 -0.12 -21.19 26.84
C LYS C 193 0.04 -22.52 27.57
N LYS C 194 0.17 -22.41 28.90
CA LYS C 194 0.25 -23.59 29.74
C LYS C 194 -1.11 -24.30 29.81
N ILE C 195 -1.07 -25.63 29.85
CA ILE C 195 -2.30 -26.41 29.87
C ILE C 195 -2.16 -27.59 30.83
N THR D 5 -30.30 -18.42 7.29
CA THR D 5 -30.06 -17.31 6.39
C THR D 5 -28.80 -17.55 5.56
N TYR D 6 -28.98 -18.14 4.38
CA TYR D 6 -27.88 -18.41 3.46
C TYR D 6 -27.57 -17.23 2.56
N ASN D 7 -28.29 -16.12 2.70
CA ASN D 7 -28.23 -14.99 1.76
C ASN D 7 -26.95 -14.17 1.86
N LYS D 8 -25.98 -14.58 2.69
CA LYS D 8 -24.66 -13.95 2.69
C LYS D 8 -23.99 -14.13 1.33
N VAL D 9 -24.17 -15.30 0.71
CA VAL D 9 -23.71 -15.48 -0.66
C VAL D 9 -24.57 -14.70 -1.64
N GLY D 10 -25.78 -14.29 -1.25
CA GLY D 10 -26.56 -13.41 -2.10
C GLY D 10 -25.99 -12.02 -2.19
N LEU D 11 -25.53 -11.48 -1.05
CA LEU D 11 -24.91 -10.16 -1.05
C LEU D 11 -23.52 -10.20 -1.68
N TYR D 12 -22.81 -11.32 -1.52
CA TYR D 12 -21.48 -11.46 -2.12
C TYR D 12 -21.55 -11.51 -3.64
N ILE D 13 -22.56 -12.19 -4.19
CA ILE D 13 -22.72 -12.22 -5.63
C ILE D 13 -23.16 -10.86 -6.16
N LEU D 14 -24.02 -10.16 -5.40
CA LEU D 14 -24.43 -8.81 -5.79
C LEU D 14 -23.28 -7.82 -5.65
N SER D 15 -22.34 -8.07 -4.74
CA SER D 15 -21.19 -7.19 -4.61
C SER D 15 -20.27 -7.28 -5.81
N LEU D 16 -20.15 -8.46 -6.42
CA LEU D 16 -19.32 -8.63 -7.62
C LEU D 16 -20.16 -8.60 -8.89
N ALA D 17 -21.24 -7.82 -8.91
CA ALA D 17 -22.13 -7.82 -10.07
C ALA D 17 -21.48 -7.16 -11.27
N MET D 18 -20.87 -5.99 -11.08
CA MET D 18 -20.25 -5.30 -12.21
C MET D 18 -18.90 -5.91 -12.58
N LEU D 19 -18.34 -6.77 -11.71
CA LEU D 19 -17.14 -7.51 -12.08
C LEU D 19 -17.41 -8.51 -13.20
N PHE D 20 -18.56 -9.20 -13.14
CA PHE D 20 -18.89 -10.18 -14.16
C PHE D 20 -19.17 -9.55 -15.52
N VAL D 21 -19.54 -8.27 -15.55
CA VAL D 21 -19.65 -7.56 -16.83
C VAL D 21 -18.27 -7.38 -17.45
N PHE D 22 -17.25 -7.14 -16.62
CA PHE D 22 -15.88 -6.94 -17.12
C PHE D 22 -15.33 -8.20 -17.77
N ILE D 23 -15.56 -9.37 -17.14
CA ILE D 23 -15.02 -10.62 -17.66
C ILE D 23 -15.69 -11.01 -18.97
N ILE D 24 -16.96 -10.63 -19.14
CA ILE D 24 -17.66 -10.85 -20.41
C ILE D 24 -16.97 -10.06 -21.54
N ILE D 25 -16.62 -8.81 -21.25
CA ILE D 25 -15.91 -7.99 -22.23
C ILE D 25 -14.50 -8.50 -22.43
N LEU D 26 -13.85 -8.97 -21.35
CA LEU D 26 -12.41 -9.21 -21.36
C LEU D 26 -12.04 -10.50 -22.08
N THR D 27 -12.48 -11.64 -21.57
CA THR D 27 -11.92 -12.93 -21.99
C THR D 27 -12.72 -13.61 -23.08
N ALA D 28 -13.80 -13.00 -23.59
CA ALA D 28 -14.55 -13.60 -24.67
C ALA D 28 -13.78 -13.53 -25.98
N LYS D 29 -13.86 -14.60 -26.77
CA LYS D 29 -13.13 -14.71 -28.03
C LYS D 29 -14.09 -14.97 -29.19
N ILE D 30 -15.22 -14.29 -29.20
CA ILE D 30 -16.21 -14.48 -30.27
C ILE D 30 -15.72 -13.76 -31.52
N PRO D 31 -15.66 -14.45 -32.68
CA PRO D 31 -15.25 -13.82 -33.94
C PRO D 31 -16.28 -12.83 -34.46
N ILE D 41 -19.82 -18.09 -39.26
CA ILE D 41 -20.38 -19.41 -38.99
C ILE D 41 -20.09 -19.81 -37.54
N GLY D 42 -21.15 -20.06 -36.79
CA GLY D 42 -21.02 -20.44 -35.40
C GLY D 42 -21.61 -21.80 -35.09
N LEU D 43 -20.82 -22.67 -34.47
CA LEU D 43 -21.23 -24.00 -34.10
C LEU D 43 -21.18 -24.14 -32.57
N LYS D 44 -21.31 -25.38 -32.09
CA LYS D 44 -21.21 -25.63 -30.67
C LYS D 44 -19.79 -25.43 -30.14
N LYS D 45 -18.78 -25.53 -31.01
CA LYS D 45 -17.38 -25.32 -30.63
C LYS D 45 -17.18 -23.89 -30.13
N LEU D 46 -17.81 -22.92 -30.80
CA LEU D 46 -17.75 -21.51 -30.39
C LEU D 46 -18.31 -21.32 -28.99
N VAL D 47 -19.31 -22.12 -28.61
CA VAL D 47 -19.80 -22.09 -27.24
C VAL D 47 -18.80 -22.74 -26.29
N LEU D 48 -18.17 -23.83 -26.70
CA LEU D 48 -17.32 -24.58 -25.77
C LEU D 48 -15.90 -24.03 -25.60
N THR D 49 -15.43 -23.10 -26.44
CA THR D 49 -14.16 -22.47 -26.05
C THR D 49 -14.34 -21.43 -24.95
N ASN D 50 -15.39 -20.62 -25.02
CA ASN D 50 -15.60 -19.57 -24.02
C ASN D 50 -16.52 -20.09 -22.92
N ILE D 51 -16.00 -21.08 -22.20
CA ILE D 51 -16.72 -21.66 -21.06
C ILE D 51 -16.76 -20.67 -19.90
N VAL D 52 -15.67 -19.92 -19.70
CA VAL D 52 -15.63 -18.92 -18.62
C VAL D 52 -16.63 -17.78 -18.82
N PRO D 53 -16.83 -17.20 -20.02
CA PRO D 53 -17.97 -16.29 -20.18
C PRO D 53 -19.35 -16.90 -19.94
N ILE D 54 -19.53 -18.20 -20.20
CA ILE D 54 -20.82 -18.83 -19.91
C ILE D 54 -21.08 -18.89 -18.40
N VAL D 55 -20.06 -19.26 -17.63
CA VAL D 55 -20.16 -19.29 -16.17
C VAL D 55 -20.37 -17.88 -15.61
N CYS D 56 -19.67 -16.90 -16.19
CA CYS D 56 -19.85 -15.51 -15.76
C CYS D 56 -21.23 -14.99 -16.11
N PHE D 57 -21.81 -15.40 -17.24
CA PHE D 57 -23.15 -14.97 -17.58
C PHE D 57 -24.19 -15.61 -16.67
N VAL D 58 -23.97 -16.88 -16.31
CA VAL D 58 -24.85 -17.56 -15.36
C VAL D 58 -24.81 -16.88 -14.00
N PHE D 59 -23.61 -16.49 -13.55
CA PHE D 59 -23.47 -15.73 -12.33
C PHE D 59 -24.10 -14.33 -12.44
N PHE D 60 -24.09 -13.75 -13.63
CA PHE D 60 -24.72 -12.45 -13.83
C PHE D 60 -26.24 -12.55 -13.71
N LEU D 61 -26.83 -13.61 -14.28
CA LEU D 61 -28.27 -13.81 -14.08
C LEU D 61 -28.60 -14.17 -12.64
N PHE D 62 -27.69 -14.86 -11.95
CA PHE D 62 -27.85 -15.11 -10.52
C PHE D 62 -27.83 -13.81 -9.73
N SER D 63 -26.96 -12.87 -10.12
CA SER D 63 -26.92 -11.56 -9.47
C SER D 63 -28.16 -10.73 -9.76
N ILE D 64 -28.72 -10.87 -10.97
CA ILE D 64 -29.97 -10.19 -11.29
C ILE D 64 -31.11 -10.73 -10.43
N TYR D 65 -31.14 -12.06 -10.26
CA TYR D 65 -32.12 -12.68 -9.37
C TYR D 65 -31.94 -12.24 -7.92
N PHE D 66 -30.69 -12.11 -7.48
CA PHE D 66 -30.45 -11.68 -6.10
C PHE D 66 -30.76 -10.20 -5.91
N TYR D 67 -30.61 -9.39 -6.96
CA TYR D 67 -31.05 -8.00 -6.89
C TYR D 67 -32.58 -7.93 -6.76
N ASN D 68 -33.29 -8.70 -7.59
CA ASN D 68 -34.75 -8.75 -7.51
C ASN D 68 -35.25 -9.34 -6.19
N ARG D 69 -34.45 -10.18 -5.54
CA ARG D 69 -34.83 -10.77 -4.26
C ARG D 69 -34.50 -9.85 -3.09
N LEU D 70 -33.34 -9.18 -3.16
CA LEU D 70 -32.94 -8.22 -2.12
C LEU D 70 -33.77 -6.95 -2.19
N LYS D 71 -34.44 -6.71 -3.32
CA LYS D 71 -35.40 -5.62 -3.39
C LYS D 71 -36.56 -5.83 -2.42
N ASN D 72 -36.96 -7.09 -2.15
CA ASN D 72 -38.02 -7.30 -1.17
C ASN D 72 -37.66 -8.52 -0.29
N ILE D 73 -36.46 -8.56 0.30
CA ILE D 73 -36.26 -9.46 1.44
C ILE D 73 -37.14 -9.08 2.61
N THR D 74 -37.10 -7.81 3.02
CA THR D 74 -37.87 -7.38 4.18
C THR D 74 -39.36 -7.36 3.81
N LYS D 75 -40.19 -7.83 4.74
CA LYS D 75 -41.53 -8.26 4.37
C LYS D 75 -42.53 -7.98 5.48
N TYR D 76 -43.76 -7.64 5.06
CA TYR D 76 -44.95 -7.48 5.89
C TYR D 76 -44.78 -6.45 7.02
N VAL D 82 -39.15 -0.46 14.02
CA VAL D 82 -38.40 -0.48 15.27
C VAL D 82 -37.75 0.87 15.51
N LYS D 83 -37.19 1.07 16.70
CA LYS D 83 -36.61 2.34 17.08
C LYS D 83 -35.10 2.31 16.84
N ILE D 84 -34.57 3.43 16.34
CA ILE D 84 -33.17 3.55 15.95
C ILE D 84 -32.55 4.63 16.82
N THR D 85 -31.49 4.30 17.56
CA THR D 85 -30.91 5.28 18.47
C THR D 85 -29.74 6.03 17.83
N SER D 86 -28.69 5.31 17.47
CA SER D 86 -27.46 5.92 16.97
C SER D 86 -27.37 5.79 15.45
N CYS D 87 -26.73 6.78 14.83
CA CYS D 87 -26.61 6.80 13.38
C CYS D 87 -25.35 7.58 13.02
N GLN D 88 -24.29 6.86 12.64
CA GLN D 88 -23.04 7.47 12.22
C GLN D 88 -22.65 6.91 10.85
N SER D 89 -21.83 7.67 10.14
CA SER D 89 -21.34 7.20 8.85
C SER D 89 -20.32 6.08 9.04
N GLU D 90 -20.05 5.36 7.96
CA GLU D 90 -19.31 4.11 8.05
C GLU D 90 -17.91 4.20 7.49
N SER D 91 -17.67 5.08 6.50
CA SER D 91 -16.38 5.26 5.83
C SER D 91 -15.92 3.97 5.15
N TYR D 92 -16.55 3.66 4.01
CA TYR D 92 -16.22 2.54 3.10
C TYR D 92 -14.74 2.25 3.00
N GLU D 93 -14.38 0.97 3.16
CA GLU D 93 -12.99 0.55 3.04
C GLU D 93 -12.65 0.24 1.60
N SER D 94 -11.52 0.76 1.13
CA SER D 94 -11.06 0.51 -0.23
C SER D 94 -10.23 -0.76 -0.36
N LEU D 95 -9.86 -1.37 0.77
CA LEU D 95 -9.00 -2.55 0.72
C LEU D 95 -9.73 -3.77 0.19
N THR D 96 -11.04 -3.86 0.41
CA THR D 96 -11.80 -4.92 -0.21
C THR D 96 -11.89 -4.73 -1.72
N PHE D 97 -11.89 -3.46 -2.16
CA PHE D 97 -11.85 -3.20 -3.60
C PHE D 97 -10.50 -3.56 -4.20
N LEU D 98 -9.40 -3.31 -3.49
CA LEU D 98 -8.12 -3.78 -3.98
C LEU D 98 -7.99 -5.30 -3.89
N ALA D 99 -8.74 -5.93 -3.00
CA ALA D 99 -8.65 -7.38 -2.88
C ALA D 99 -9.40 -8.09 -4.00
N THR D 100 -10.71 -7.86 -4.10
CA THR D 100 -11.53 -8.74 -4.93
C THR D 100 -11.91 -8.15 -6.29
N TYR D 101 -11.49 -6.94 -6.62
CA TYR D 101 -11.95 -6.31 -7.85
C TYR D 101 -10.84 -6.08 -8.86
N ILE D 102 -9.78 -5.37 -8.48
CA ILE D 102 -8.78 -4.98 -9.45
C ILE D 102 -7.79 -6.13 -9.72
N VAL D 103 -7.59 -7.03 -8.76
CA VAL D 103 -6.67 -8.15 -8.94
C VAL D 103 -7.29 -9.28 -9.78
N PRO D 104 -8.56 -9.70 -9.60
CA PRO D 104 -9.13 -10.61 -10.62
C PRO D 104 -9.22 -9.99 -12.01
N PHE D 105 -9.45 -8.68 -12.10
CA PHE D 105 -9.41 -8.01 -13.40
C PHE D 105 -8.00 -8.03 -13.99
N MET D 106 -6.97 -7.96 -13.15
CA MET D 106 -5.62 -8.13 -13.64
C MET D 106 -5.36 -9.55 -14.09
N GLY D 107 -5.84 -10.52 -13.32
CA GLY D 107 -5.49 -11.91 -13.58
C GLY D 107 -6.21 -12.47 -14.79
N PHE D 108 -7.42 -12.01 -15.05
CA PHE D 108 -8.24 -12.65 -16.06
C PHE D 108 -7.89 -12.24 -17.48
N SER D 109 -6.89 -11.37 -17.68
CA SER D 109 -6.39 -11.02 -19.01
C SER D 109 -4.87 -11.15 -19.02
N PHE D 110 -4.35 -12.36 -19.22
CA PHE D 110 -2.92 -12.50 -19.39
C PHE D 110 -2.50 -13.59 -20.37
N GLU D 111 -3.43 -14.24 -21.07
CA GLU D 111 -3.24 -15.15 -22.20
C GLU D 111 -2.58 -16.49 -21.84
N ASP D 112 -2.31 -16.78 -20.57
CA ASP D 112 -1.87 -18.12 -20.19
C ASP D 112 -2.35 -18.41 -18.78
N MET D 113 -2.62 -19.69 -18.50
CA MET D 113 -3.39 -20.10 -17.33
C MET D 113 -2.64 -19.87 -16.02
N GLN D 114 -1.31 -19.94 -16.05
CA GLN D 114 -0.51 -19.83 -14.84
C GLN D 114 -0.61 -18.44 -14.21
N LYS D 115 -0.78 -17.41 -15.03
CA LYS D 115 -0.83 -16.06 -14.49
C LYS D 115 -2.13 -15.80 -13.74
N ASN D 116 -3.28 -16.24 -14.29
CA ASN D 116 -4.51 -16.09 -13.53
C ASN D 116 -4.58 -17.03 -12.35
N ILE D 117 -3.90 -18.19 -12.42
CA ILE D 117 -3.81 -19.06 -11.25
C ILE D 117 -3.02 -18.36 -10.14
N ALA D 118 -1.90 -17.72 -10.48
CA ALA D 118 -1.10 -16.99 -9.51
C ALA D 118 -1.85 -15.79 -8.93
N TYR D 119 -2.58 -15.06 -9.78
CA TYR D 119 -3.30 -13.90 -9.27
C TYR D 119 -4.52 -14.29 -8.46
N LEU D 120 -5.13 -15.45 -8.76
CA LEU D 120 -6.19 -15.95 -7.91
C LEU D 120 -5.64 -16.41 -6.56
N LEU D 121 -4.43 -16.98 -6.55
CA LEU D 121 -3.79 -17.31 -5.28
C LEU D 121 -3.46 -16.07 -4.47
N LEU D 122 -3.06 -14.98 -5.14
CA LEU D 122 -2.85 -13.73 -4.41
C LEU D 122 -4.18 -13.10 -3.98
N VAL D 123 -5.26 -13.38 -4.71
CA VAL D 123 -6.59 -12.98 -4.23
C VAL D 123 -6.92 -13.69 -2.92
N VAL D 124 -6.58 -14.97 -2.84
CA VAL D 124 -6.72 -15.73 -1.60
C VAL D 124 -5.85 -15.15 -0.48
N VAL D 125 -4.62 -14.75 -0.82
CA VAL D 125 -3.69 -14.22 0.19
C VAL D 125 -4.16 -12.87 0.74
N ILE D 126 -4.56 -11.92 -0.14
CA ILE D 126 -5.08 -10.62 0.30
C ILE D 126 -6.57 -10.75 0.60
N GLY D 127 -7.03 -11.99 0.69
CA GLY D 127 -8.23 -12.35 1.40
C GLY D 127 -7.82 -12.57 2.83
N ILE D 128 -7.36 -13.78 3.17
CA ILE D 128 -7.19 -14.21 4.56
C ILE D 128 -6.22 -13.34 5.35
N ILE D 129 -5.05 -12.99 4.81
CA ILE D 129 -4.02 -12.38 5.65
C ILE D 129 -4.21 -10.88 5.86
N PHE D 130 -5.08 -10.21 5.10
CA PHE D 130 -5.22 -8.77 5.18
C PHE D 130 -6.55 -8.29 5.73
N ILE D 131 -7.67 -8.78 5.19
CA ILE D 131 -8.95 -8.16 5.53
C ILE D 131 -9.46 -8.61 6.88
N LYS D 132 -9.04 -9.79 7.35
CA LYS D 132 -9.57 -10.47 8.54
C LYS D 132 -11.08 -10.64 8.42
N THR D 133 -11.45 -11.49 7.46
CA THR D 133 -12.73 -11.41 6.76
C THR D 133 -13.97 -11.73 7.61
N ASP D 134 -14.40 -10.73 8.36
CA ASP D 134 -15.77 -10.65 8.85
C ASP D 134 -16.44 -9.34 8.46
N LYS D 135 -15.68 -8.38 7.94
CA LYS D 135 -16.21 -7.09 7.48
C LYS D 135 -16.09 -6.98 5.95
N TYR D 136 -16.14 -8.16 5.31
CA TYR D 136 -16.07 -8.29 3.86
C TYR D 136 -17.28 -7.69 3.14
N TYR D 137 -18.36 -7.44 3.87
CA TYR D 137 -19.59 -6.87 3.33
C TYR D 137 -19.44 -5.43 2.84
N ALA D 138 -18.36 -4.74 3.20
CA ALA D 138 -18.23 -3.30 3.00
C ALA D 138 -17.49 -2.96 1.72
N ASN D 139 -17.65 -3.77 0.68
CA ASN D 139 -17.07 -3.46 -0.62
C ASN D 139 -17.75 -2.23 -1.21
N PRO D 140 -16.99 -1.30 -1.80
CA PRO D 140 -17.61 -0.08 -2.33
C PRO D 140 -18.36 -0.27 -3.63
N THR D 141 -18.38 -1.47 -4.21
CA THR D 141 -19.23 -1.71 -5.37
C THR D 141 -20.70 -1.70 -4.98
N LEU D 142 -21.01 -1.99 -3.71
CA LEU D 142 -22.40 -1.92 -3.24
C LEU D 142 -22.93 -0.50 -3.25
N ALA D 143 -22.05 0.51 -3.13
CA ALA D 143 -22.49 1.90 -3.18
C ALA D 143 -22.97 2.30 -4.56
N LEU D 144 -22.57 1.57 -5.60
CA LEU D 144 -23.11 1.80 -6.94
C LEU D 144 -24.59 1.40 -6.99
N PHE D 145 -24.97 0.34 -6.27
CA PHE D 145 -26.36 -0.11 -6.29
C PHE D 145 -27.19 0.53 -5.19
N GLY D 146 -27.08 1.85 -5.06
CA GLY D 146 -27.93 2.65 -4.18
C GLY D 146 -27.94 2.29 -2.71
N PHE D 147 -26.78 1.90 -2.17
CA PHE D 147 -26.69 1.40 -0.81
C PHE D 147 -25.83 2.32 0.04
N LYS D 148 -26.23 2.52 1.29
CA LYS D 148 -25.48 3.32 2.24
C LYS D 148 -25.41 2.56 3.56
N LEU D 149 -24.37 2.81 4.34
CA LEU D 149 -24.10 2.06 5.55
C LEU D 149 -24.12 2.97 6.77
N TYR D 150 -24.70 2.49 7.86
CA TYR D 150 -24.80 3.26 9.10
C TYR D 150 -24.53 2.37 10.31
N ARG D 151 -23.93 2.95 11.34
CA ARG D 151 -23.73 2.26 12.62
C ARG D 151 -24.90 2.57 13.54
N VAL D 152 -25.38 1.56 14.25
CA VAL D 152 -26.66 1.69 14.95
C VAL D 152 -26.63 0.88 16.24
N ASN D 153 -27.31 1.40 17.27
CA ASN D 153 -27.68 0.66 18.45
C ASN D 153 -29.20 0.58 18.52
N ILE D 154 -29.74 -0.63 18.64
CA ILE D 154 -31.17 -0.87 18.49
C ILE D 154 -31.81 -1.02 19.86
N LEU D 155 -32.94 -0.35 20.07
CA LEU D 155 -33.76 -0.51 21.25
C LEU D 155 -35.19 -0.80 20.79
N HIS D 156 -35.80 -1.81 21.39
CA HIS D 156 -37.09 -2.32 20.93
C HIS D 156 -37.73 -3.10 22.06
N PRO D 157 -39.06 -3.30 22.02
CA PRO D 157 -39.69 -4.30 22.91
C PRO D 157 -39.42 -5.76 22.54
N GLY D 158 -38.53 -6.01 21.57
CA GLY D 158 -37.90 -7.30 21.41
C GLY D 158 -36.58 -7.36 22.15
N SER D 159 -36.57 -6.73 23.33
CA SER D 159 -35.54 -6.67 24.37
C SER D 159 -34.35 -5.79 24.02
N GLY D 160 -34.23 -5.37 22.75
CA GLY D 160 -33.20 -4.46 22.24
C GLY D 160 -31.75 -4.72 22.63
N GLU D 161 -31.37 -5.98 22.81
CA GLU D 161 -30.13 -6.30 23.48
C GLU D 161 -28.90 -6.21 22.58
N THR D 162 -29.08 -6.15 21.26
CA THR D 162 -27.95 -6.22 20.33
C THR D 162 -27.23 -4.88 20.29
N LYS D 163 -25.89 -4.92 20.34
CA LYS D 163 -25.06 -3.73 20.40
C LYS D 163 -24.01 -3.77 19.30
N ASN D 164 -23.55 -2.58 18.92
CA ASN D 164 -22.56 -2.33 17.85
C ASN D 164 -23.04 -2.93 16.53
N LEU D 165 -24.28 -2.59 16.18
CA LEU D 165 -24.91 -3.11 14.99
C LEU D 165 -24.68 -2.15 13.82
N ILE D 166 -24.53 -2.71 12.63
CA ILE D 166 -24.24 -1.92 11.44
C ILE D 166 -25.28 -2.24 10.37
N ALA D 167 -25.95 -1.19 9.88
CA ALA D 167 -27.06 -1.34 8.96
C ALA D 167 -26.63 -1.07 7.53
N ILE D 168 -27.23 -1.81 6.59
CA ILE D 168 -27.08 -1.55 5.16
C ILE D 168 -28.45 -1.20 4.61
N SER D 169 -28.58 -0.03 4.00
CA SER D 169 -29.89 0.47 3.61
C SER D 169 -29.85 1.18 2.27
N ASN D 170 -31.01 1.26 1.63
CA ASN D 170 -31.19 2.03 0.40
C ASN D 170 -31.49 3.50 0.67
N ASP D 171 -31.68 3.87 1.92
CA ASP D 171 -32.15 5.20 2.30
C ASP D 171 -31.46 5.65 3.57
N VAL D 172 -31.55 6.96 3.84
CA VAL D 172 -30.89 7.53 5.01
C VAL D 172 -31.69 7.20 6.27
N LEU D 173 -31.01 7.26 7.41
CA LEU D 173 -31.64 7.08 8.71
C LEU D 173 -31.22 8.21 9.64
N LYS D 174 -31.93 8.31 10.77
CA LYS D 174 -31.64 9.31 11.79
C LYS D 174 -32.09 8.73 13.13
N VAL D 175 -32.05 9.57 14.18
CA VAL D 175 -32.44 9.13 15.50
C VAL D 175 -33.95 8.99 15.58
N ASP D 176 -34.40 7.86 16.13
CA ASP D 176 -35.82 7.49 16.30
C ASP D 176 -36.55 7.45 14.94
N ASP D 177 -36.04 6.59 14.07
CA ASP D 177 -36.63 6.34 12.76
C ASP D 177 -37.27 4.96 12.76
N ASN D 178 -38.52 4.89 12.32
CA ASN D 178 -39.27 3.63 12.33
C ASN D 178 -38.87 2.81 11.09
N VAL D 179 -38.13 1.73 11.31
CA VAL D 179 -37.67 0.85 10.25
C VAL D 179 -38.04 -0.58 10.58
N TYR D 180 -38.04 -1.43 9.56
CA TYR D 180 -38.35 -2.85 9.69
C TYR D 180 -37.07 -3.66 9.63
N TYR D 181 -36.80 -4.44 10.67
CA TYR D 181 -35.59 -5.23 10.75
C TYR D 181 -35.70 -6.49 9.90
N SER D 182 -34.62 -6.82 9.20
CA SER D 182 -34.54 -7.98 8.32
C SER D 182 -33.22 -8.71 8.57
N PHE D 183 -32.99 -9.05 9.85
CA PHE D 183 -31.70 -9.49 10.42
C PHE D 183 -30.95 -10.50 9.56
N PHE D 184 -29.66 -10.24 9.40
CA PHE D 184 -28.82 -10.90 8.40
C PHE D 184 -27.67 -11.68 9.04
N ASP D 185 -27.02 -11.12 10.05
CA ASP D 185 -25.91 -11.76 10.73
C ASP D 185 -25.89 -11.25 12.16
N GLU D 186 -24.76 -11.43 12.84
CA GLU D 186 -24.60 -10.85 14.17
C GLU D 186 -24.40 -9.35 14.11
N PHE D 187 -23.88 -8.83 13.01
CA PHE D 187 -23.58 -7.40 12.87
C PHE D 187 -24.43 -6.69 11.83
N VAL D 188 -25.16 -7.40 10.96
CA VAL D 188 -25.74 -6.84 9.75
C VAL D 188 -27.25 -6.96 9.79
N PHE D 189 -27.97 -5.92 9.34
CA PHE D 189 -29.36 -6.09 8.94
C PHE D 189 -29.64 -5.17 7.75
N ILE D 190 -30.83 -5.34 7.17
CA ILE D 190 -31.32 -4.50 6.08
C ILE D 190 -32.62 -3.87 6.53
N ALA D 191 -32.75 -2.55 6.34
CA ALA D 191 -33.95 -1.85 6.77
C ALA D 191 -34.22 -0.66 5.87
N ARG D 192 -35.49 -0.26 5.77
CA ARG D 192 -35.86 1.01 5.16
C ARG D 192 -36.84 1.73 6.08
N LYS D 193 -36.94 3.05 5.91
CA LYS D 193 -37.79 3.84 6.78
C LYS D 193 -39.27 3.65 6.42
N LYS D 194 -40.13 4.02 7.36
CA LYS D 194 -41.57 3.93 7.21
C LYS D 194 -42.18 5.32 7.30
N ILE D 195 -43.00 5.67 6.31
CA ILE D 195 -43.65 6.98 6.29
C ILE D 195 -44.90 6.96 7.14
#